data_8PLF
#
_entry.id   8PLF
#
_cell.length_a   62.240
_cell.length_b   103.472
_cell.length_c   133.568
_cell.angle_alpha   90.000
_cell.angle_beta   92.020
_cell.angle_gamma   90.000
#
_symmetry.space_group_name_H-M   'P 1 21 1'
#
loop_
_entity.id
_entity.type
_entity.pdbx_description
1 polymer 'Thioredoxin glutathione reductase'
2 non-polymer 'FLAVIN-ADENINE DINUCLEOTIDE'
3 non-polymer 5-methoxy-1,3-benzothiazol-2-amine
4 water water
#
_entity_poly.entity_id   1
_entity_poly.type   'polypeptide(L)'
_entity_poly.pdbx_seq_one_letter_code
;GPPPADGTSQWLRKTVDSAAVILFSKTTCPYCKKVKDVLAEAKIKHATIELDQLSNGSAIQKCLASFSKIETVPQMFVRG
KFIGDSQTVLKYYSNDELAGIVNESKYDYDLIVIGGGSGGLAAGKEAAKYGAKTAVLDYVEPTPIGTTWGLGGTCVNVGC
IPKKLMHQAGLLSHALEDAEHFGWSLDRSKISHNWSTMVEGVQSHIGSLNWGYKVALRDNQVTYLNAKGRLISPHEVQIT
DKNQKVSTITGNKIILATGERPKYPEIPGAVEYGITSDDLFSLPYFPGKTLVIGASYVALECAGFLASLGGDVTVMVRSI
LLRGFDQQMAEKVGDYMENHGVKFAKLCVPDEIKQLKVVDTENNKPGLLLVKGHYTDGKKFEEEFETVIFAVGREPQLSK
VLCETVGVKLDKNGRVVCTDDEQTTVSNVYAIGDINAGKPQLTPVAIQAGRYLARRLFAGATELTDYSNVATTVFTPLEY
GACGLSEEDAIEKYGDKDIEVYHSNFKPLEWTVAHREDNVCYMKLVCRKSDNMRVLGLHVLGPNAGEITQGYAVAIKMGA
TKADFDRTIGIHPTCSETFTTLHVTKKSGVSPIVSGC
;
_entity_poly.pdbx_strand_id   A,B
#
# COMPACT_ATOMS: atom_id res chain seq x y z
N GLY A 7 6.45 22.05 -16.63
CA GLY A 7 5.63 23.24 -16.77
C GLY A 7 4.17 22.93 -16.47
N THR A 8 3.42 22.56 -17.51
CA THR A 8 2.07 22.06 -17.30
C THR A 8 2.08 20.79 -16.44
N SER A 9 3.08 19.93 -16.64
CA SER A 9 3.09 18.65 -15.93
C SER A 9 3.36 18.84 -14.43
N GLN A 10 4.19 19.81 -14.05
CA GLN A 10 4.41 20.03 -12.63
C GLN A 10 3.18 20.67 -11.96
N TRP A 11 2.46 21.52 -12.68
CA TRP A 11 1.21 22.08 -12.15
C TRP A 11 0.18 20.98 -11.90
N LEU A 12 0.01 20.08 -12.87
CA LEU A 12 -1.02 19.07 -12.73
C LEU A 12 -0.73 18.15 -11.56
N ARG A 13 0.55 17.83 -11.34
CA ARG A 13 0.87 16.90 -10.26
C ARG A 13 0.62 17.54 -8.90
N LYS A 14 0.97 18.82 -8.75
CA LYS A 14 0.68 19.52 -7.50
C LYS A 14 -0.82 19.62 -7.27
N THR A 15 -1.59 19.88 -8.35
CA THR A 15 -3.03 20.04 -8.21
C THR A 15 -3.73 18.72 -7.86
N VAL A 16 -3.30 17.60 -8.44
CA VAL A 16 -3.95 16.33 -8.12
C VAL A 16 -3.62 15.88 -6.70
N ASP A 17 -2.37 16.09 -6.26
CA ASP A 17 -1.93 15.61 -4.95
C ASP A 17 -2.69 16.26 -3.79
N SER A 18 -2.97 17.56 -3.87
CA SER A 18 -3.54 18.23 -2.70
C SER A 18 -5.02 18.55 -2.79
N ALA A 19 -5.62 18.50 -3.98
CA ALA A 19 -7.07 18.67 -4.07
C ALA A 19 -7.78 17.55 -3.30
N ALA A 20 -8.83 17.92 -2.56
CA ALA A 20 -9.61 16.92 -1.83
C ALA A 20 -10.52 16.11 -2.75
N VAL A 21 -11.32 16.79 -3.57
CA VAL A 21 -12.22 16.15 -4.55
C VAL A 21 -12.24 17.04 -5.78
N ILE A 22 -11.80 16.52 -6.93
CA ILE A 22 -11.68 17.36 -8.13
C ILE A 22 -12.13 16.59 -9.37
N LEU A 23 -12.87 17.27 -10.24
CA LEU A 23 -13.37 16.73 -11.49
C LEU A 23 -12.74 17.48 -12.65
N PHE A 24 -12.11 16.74 -13.56
CA PHE A 24 -11.66 17.29 -14.82
C PHE A 24 -12.73 17.08 -15.89
N SER A 25 -13.04 18.13 -16.64
CA SER A 25 -14.31 18.25 -17.33
C SER A 25 -14.16 19.13 -18.57
N LYS A 26 -15.21 19.14 -19.40
CA LYS A 26 -15.40 20.12 -20.46
C LYS A 26 -16.85 20.56 -20.47
N THR A 27 -17.06 21.86 -20.71
CA THR A 27 -18.38 22.47 -20.57
C THR A 27 -19.41 21.85 -21.49
N THR A 28 -18.97 21.22 -22.58
CA THR A 28 -19.84 20.76 -23.65
C THR A 28 -20.13 19.26 -23.60
N CYS A 29 -19.68 18.57 -22.54
CA CYS A 29 -19.70 17.11 -22.53
C CYS A 29 -20.90 16.61 -21.72
N PRO A 30 -21.82 15.85 -22.32
CA PRO A 30 -22.94 15.31 -21.53
C PRO A 30 -22.52 14.27 -20.51
N TYR A 31 -21.41 13.55 -20.74
CA TYR A 31 -20.94 12.62 -19.72
C TYR A 31 -20.41 13.36 -18.50
N CYS A 32 -19.76 14.50 -18.70
CA CYS A 32 -19.37 15.33 -17.56
C CYS A 32 -20.59 15.85 -16.81
N LYS A 33 -21.59 16.35 -17.55
CA LYS A 33 -22.83 16.81 -16.90
C LYS A 33 -23.48 15.68 -16.11
N LYS A 34 -23.45 14.46 -16.64
CA LYS A 34 -24.02 13.32 -15.94
C LYS A 34 -23.31 13.09 -14.60
N VAL A 35 -21.98 13.17 -14.59
CA VAL A 35 -21.24 12.99 -13.34
C VAL A 35 -21.50 14.16 -12.39
N LYS A 36 -21.53 15.40 -12.91
CA LYS A 36 -21.83 16.55 -12.06
C LYS A 36 -23.15 16.36 -11.33
N ASP A 37 -24.18 15.91 -12.06
CA ASP A 37 -25.52 15.75 -11.47
C ASP A 37 -25.50 14.75 -10.33
N VAL A 38 -24.74 13.67 -10.47
CA VAL A 38 -24.68 12.66 -9.40
C VAL A 38 -24.01 13.23 -8.15
N LEU A 39 -22.98 14.06 -8.32
CA LEU A 39 -22.15 14.46 -7.19
C LEU A 39 -22.93 15.29 -6.16
N ALA A 40 -23.66 16.33 -6.58
CA ALA A 40 -24.35 17.10 -5.56
C ALA A 40 -25.73 16.55 -5.19
N GLU A 41 -26.31 15.66 -6.02
CA GLU A 41 -27.41 14.85 -5.50
C GLU A 41 -26.97 14.09 -4.27
N ALA A 42 -25.74 13.57 -4.28
CA ALA A 42 -25.13 12.97 -3.11
C ALA A 42 -24.54 13.99 -2.15
N LYS A 43 -24.69 15.29 -2.43
CA LYS A 43 -24.19 16.37 -1.57
C LYS A 43 -22.66 16.29 -1.43
N ILE A 44 -21.97 16.00 -2.52
CA ILE A 44 -20.51 15.93 -2.55
C ILE A 44 -19.99 17.22 -3.20
N LYS A 45 -19.33 18.07 -2.41
CA LYS A 45 -18.70 19.26 -2.94
C LYS A 45 -17.33 18.92 -3.52
N HIS A 46 -16.93 19.69 -4.54
CA HIS A 46 -15.73 19.38 -5.29
C HIS A 46 -15.33 20.56 -6.17
N ALA A 47 -14.04 20.67 -6.44
CA ALA A 47 -13.53 21.57 -7.46
C ALA A 47 -13.77 20.97 -8.85
N THR A 48 -13.85 21.86 -9.85
CA THR A 48 -14.00 21.48 -11.25
C THR A 48 -13.08 22.32 -12.10
N ILE A 49 -12.42 21.71 -13.08
CA ILE A 49 -11.57 22.42 -14.04
C ILE A 49 -12.07 22.09 -15.44
N GLU A 50 -12.52 23.12 -16.16
CA GLU A 50 -13.05 22.95 -17.51
C GLU A 50 -11.92 23.12 -18.52
N LEU A 51 -11.45 22.00 -19.10
CA LEU A 51 -10.26 22.07 -19.94
C LEU A 51 -10.48 22.92 -21.19
N ASP A 52 -11.72 22.93 -21.73
CA ASP A 52 -12.01 23.75 -22.90
C ASP A 52 -12.03 25.24 -22.61
N GLN A 53 -11.76 25.67 -21.37
CA GLN A 53 -11.63 27.08 -21.02
C GLN A 53 -10.19 27.52 -20.83
N LEU A 54 -9.23 26.59 -20.85
CA LEU A 54 -7.83 26.89 -20.64
C LEU A 54 -7.09 26.79 -21.96
N SER A 55 -6.14 27.70 -22.17
CA SER A 55 -5.46 27.77 -23.46
C SER A 55 -4.57 26.57 -23.72
N ASN A 56 -4.18 25.83 -22.68
CA ASN A 56 -3.39 24.62 -22.88
C ASN A 56 -4.08 23.40 -22.27
N GLY A 57 -5.41 23.36 -22.33
CA GLY A 57 -6.13 22.19 -21.88
C GLY A 57 -5.80 20.94 -22.68
N SER A 58 -5.38 21.12 -23.93
CA SER A 58 -4.95 19.97 -24.74
C SER A 58 -3.77 19.29 -24.10
N ALA A 59 -2.75 20.05 -23.71
CA ALA A 59 -1.61 19.49 -23.01
C ALA A 59 -2.02 18.88 -21.67
N ILE A 60 -2.90 19.57 -20.93
CA ILE A 60 -3.32 19.05 -19.62
C ILE A 60 -4.02 17.70 -19.78
N GLN A 61 -4.91 17.60 -20.76
CA GLN A 61 -5.65 16.36 -21.00
C GLN A 61 -4.70 15.20 -21.24
N LYS A 62 -3.59 15.44 -21.95
CA LYS A 62 -2.61 14.37 -22.17
C LYS A 62 -1.88 14.01 -20.88
N CYS A 63 -1.54 15.00 -20.07
CA CYS A 63 -0.80 14.74 -18.83
C CYS A 63 -1.62 13.90 -17.86
N LEU A 64 -2.95 14.03 -17.89
CA LEU A 64 -3.81 13.24 -17.02
C LEU A 64 -3.52 11.76 -17.16
N ALA A 65 -3.20 11.30 -18.37
CA ALA A 65 -2.96 9.88 -18.61
C ALA A 65 -1.85 9.35 -17.73
N SER A 66 -0.84 10.18 -17.41
CA SER A 66 0.21 9.77 -16.49
C SER A 66 -0.33 9.35 -15.14
N PHE A 67 -1.55 9.79 -14.80
CA PHE A 67 -2.18 9.45 -13.53
C PHE A 67 -3.26 8.36 -13.67
N SER A 68 -4.05 8.41 -14.74
CA SER A 68 -5.24 7.57 -14.87
C SER A 68 -5.12 6.46 -15.90
N LYS A 69 -4.11 6.53 -16.78
CA LYS A 69 -3.95 5.69 -17.96
C LYS A 69 -4.98 5.99 -19.03
N ILE A 70 -5.81 7.03 -18.85
CA ILE A 70 -6.78 7.43 -19.87
C ILE A 70 -6.65 8.92 -20.15
N GLU A 71 -7.17 9.32 -21.33
CA GLU A 71 -6.97 10.66 -21.87
C GLU A 71 -8.28 11.42 -22.10
N THR A 72 -9.43 10.86 -21.72
CA THR A 72 -10.74 11.46 -21.97
C THR A 72 -11.24 12.20 -20.74
N VAL A 73 -12.39 12.86 -20.89
CA VAL A 73 -13.10 13.49 -19.76
C VAL A 73 -14.50 12.87 -19.67
N PRO A 74 -15.10 12.77 -18.47
CA PRO A 74 -14.61 13.28 -17.17
C PRO A 74 -13.58 12.37 -16.51
N GLN A 75 -12.74 12.93 -15.64
CA GLN A 75 -11.91 12.17 -14.73
C GLN A 75 -12.10 12.74 -13.33
N MET A 76 -12.38 11.88 -12.36
CA MET A 76 -12.62 12.31 -11.00
C MET A 76 -11.53 11.74 -10.09
N PHE A 77 -10.95 12.62 -9.25
CA PHE A 77 -9.92 12.24 -8.29
C PHE A 77 -10.36 12.60 -6.87
N VAL A 78 -9.83 11.84 -5.91
CA VAL A 78 -10.04 12.08 -4.48
C VAL A 78 -8.68 11.95 -3.80
N ARG A 79 -8.21 13.05 -3.21
CA ARG A 79 -7.01 13.05 -2.39
C ARG A 79 -5.83 12.37 -3.10
N GLY A 80 -5.67 12.72 -4.38
CA GLY A 80 -4.54 12.27 -5.16
C GLY A 80 -4.70 10.97 -5.90
N LYS A 81 -5.84 10.27 -5.76
CA LYS A 81 -6.07 8.98 -6.37
C LYS A 81 -7.19 9.08 -7.42
N PHE A 82 -6.93 8.54 -8.60
CA PHE A 82 -7.93 8.47 -9.66
C PHE A 82 -9.04 7.51 -9.26
N ILE A 83 -10.28 7.99 -9.31
CA ILE A 83 -11.44 7.22 -8.90
C ILE A 83 -12.15 6.57 -10.08
N GLY A 84 -12.32 7.30 -11.17
CA GLY A 84 -12.92 6.69 -12.35
C GLY A 84 -13.44 7.69 -13.34
N ASP A 85 -13.90 7.15 -14.48
CA ASP A 85 -14.60 7.89 -15.51
C ASP A 85 -16.11 7.85 -15.22
N SER A 86 -16.93 8.16 -16.23
CA SER A 86 -18.37 8.26 -16.02
C SER A 86 -18.99 6.92 -15.60
N GLN A 87 -18.71 5.85 -16.36
CA GLN A 87 -19.26 4.53 -16.03
C GLN A 87 -18.87 4.11 -14.60
N THR A 88 -17.61 4.36 -14.21
CA THR A 88 -17.14 3.89 -12.90
C THR A 88 -17.74 4.70 -11.75
N VAL A 89 -17.83 6.03 -11.88
CA VAL A 89 -18.45 6.81 -10.81
C VAL A 89 -19.90 6.37 -10.60
N LEU A 90 -20.64 6.21 -11.70
CA LEU A 90 -22.04 5.81 -11.61
C LEU A 90 -22.18 4.42 -10.98
N LYS A 91 -21.28 3.49 -11.35
CA LYS A 91 -21.18 2.19 -10.68
C LYS A 91 -21.12 2.35 -9.16
N TYR A 92 -20.14 3.12 -8.67
CA TYR A 92 -20.01 3.35 -7.23
C TYR A 92 -21.26 3.99 -6.64
N TYR A 93 -21.95 4.83 -7.42
CA TYR A 93 -23.16 5.49 -6.93
C TYR A 93 -24.27 4.49 -6.66
N SER A 94 -24.71 3.76 -7.71
CA SER A 94 -25.84 2.86 -7.54
C SER A 94 -25.52 1.65 -6.68
N ASN A 95 -24.25 1.39 -6.39
CA ASN A 95 -23.89 0.36 -5.42
C ASN A 95 -23.70 0.90 -4.01
N ASP A 96 -23.97 2.20 -3.79
CA ASP A 96 -23.86 2.82 -2.46
C ASP A 96 -22.43 2.79 -1.94
N GLU A 97 -21.46 2.82 -2.85
CA GLU A 97 -20.05 2.83 -2.48
C GLU A 97 -19.43 4.22 -2.55
N LEU A 98 -20.10 5.17 -3.20
CA LEU A 98 -19.50 6.48 -3.49
C LEU A 98 -19.18 7.26 -2.22
N ALA A 99 -20.15 7.35 -1.30
CA ALA A 99 -19.96 8.17 -0.10
C ALA A 99 -18.70 7.77 0.65
N GLY A 100 -18.44 6.47 0.77
CA GLY A 100 -17.27 6.00 1.50
C GLY A 100 -15.96 6.26 0.76
N ILE A 101 -16.00 6.19 -0.58
CA ILE A 101 -14.83 6.52 -1.38
C ILE A 101 -14.37 7.94 -1.11
N VAL A 102 -15.30 8.90 -1.15
CA VAL A 102 -14.93 10.32 -1.06
C VAL A 102 -14.59 10.76 0.35
N ASN A 103 -14.94 9.97 1.36
CA ASN A 103 -14.59 10.29 2.74
C ASN A 103 -13.36 9.54 3.22
N GLU A 104 -12.78 8.68 2.40
CA GLU A 104 -11.57 7.98 2.76
C GLU A 104 -10.40 8.95 2.86
N SER A 105 -9.69 8.93 3.99
CA SER A 105 -8.55 9.84 4.13
C SER A 105 -7.56 9.33 5.16
N LYS A 106 -6.29 9.65 4.91
CA LYS A 106 -5.21 9.38 5.86
C LYS A 106 -5.35 10.18 7.14
N TYR A 107 -6.04 11.33 7.09
CA TYR A 107 -6.11 12.26 8.22
C TYR A 107 -7.55 12.54 8.58
N ASP A 108 -7.76 13.12 9.78
CA ASP A 108 -9.10 13.53 10.18
C ASP A 108 -9.65 14.61 9.26
N TYR A 109 -8.80 15.58 8.87
CA TYR A 109 -9.24 16.74 8.09
C TYR A 109 -8.28 16.99 6.93
N ASP A 110 -8.84 17.46 5.80
CA ASP A 110 -7.99 17.96 4.72
C ASP A 110 -7.26 19.24 5.12
N LEU A 111 -7.87 20.04 6.00
CA LEU A 111 -7.34 21.34 6.40
C LEU A 111 -7.67 21.57 7.86
N ILE A 112 -6.68 21.97 8.65
CA ILE A 112 -6.92 22.53 9.98
C ILE A 112 -6.42 23.96 9.97
N VAL A 113 -7.30 24.90 10.34
CA VAL A 113 -6.92 26.31 10.51
C VAL A 113 -6.80 26.61 12.00
N ILE A 114 -5.63 27.06 12.45
CA ILE A 114 -5.44 27.52 13.83
C ILE A 114 -5.62 29.03 13.87
N GLY A 115 -6.75 29.49 14.41
CA GLY A 115 -7.07 30.91 14.52
C GLY A 115 -8.36 31.27 13.79
N GLY A 116 -9.35 31.78 14.51
CA GLY A 116 -10.63 32.08 13.87
C GLY A 116 -10.88 33.57 13.64
N GLY A 117 -9.95 34.25 12.95
CA GLY A 117 -10.04 35.69 12.73
C GLY A 117 -10.23 36.04 11.26
N SER A 118 -9.81 37.25 10.87
CA SER A 118 -9.99 37.71 9.50
C SER A 118 -9.43 36.71 8.48
N GLY A 119 -8.16 36.32 8.64
CA GLY A 119 -7.55 35.43 7.67
C GLY A 119 -8.07 34.00 7.76
N GLY A 120 -8.18 33.46 8.99
CA GLY A 120 -8.51 32.06 9.16
C GLY A 120 -9.95 31.72 8.78
N LEU A 121 -10.90 32.58 9.15
CA LEU A 121 -12.29 32.35 8.73
C LEU A 121 -12.41 32.37 7.21
N ALA A 122 -11.74 33.32 6.55
CA ALA A 122 -11.80 33.42 5.10
C ALA A 122 -11.23 32.18 4.44
N ALA A 123 -10.05 31.73 4.91
CA ALA A 123 -9.41 30.56 4.34
C ALA A 123 -10.28 29.32 4.55
N GLY A 124 -10.84 29.16 5.76
CA GLY A 124 -11.59 27.95 6.07
C GLY A 124 -12.85 27.84 5.22
N LYS A 125 -13.59 28.94 5.09
CA LYS A 125 -14.82 28.92 4.30
C LYS A 125 -14.55 28.67 2.83
N GLU A 126 -13.50 29.29 2.29
CA GLU A 126 -13.20 29.08 0.87
C GLU A 126 -12.80 27.63 0.59
N ALA A 127 -11.97 27.05 1.47
CA ALA A 127 -11.54 25.67 1.26
C ALA A 127 -12.70 24.70 1.24
N ALA A 128 -13.67 24.90 2.16
CA ALA A 128 -14.81 24.00 2.25
C ALA A 128 -15.67 24.05 0.99
N LYS A 129 -15.71 25.19 0.29
CA LYS A 129 -16.47 25.26 -0.96
C LYS A 129 -16.00 24.24 -1.99
N TYR A 130 -14.73 23.80 -1.94
CA TYR A 130 -14.20 22.87 -2.92
C TYR A 130 -14.09 21.45 -2.37
N GLY A 131 -14.80 21.15 -1.29
CA GLY A 131 -14.86 19.79 -0.80
C GLY A 131 -13.82 19.42 0.23
N ALA A 132 -12.94 20.34 0.63
CA ALA A 132 -12.00 20.02 1.69
C ALA A 132 -12.74 19.90 3.02
N LYS A 133 -12.54 18.78 3.72
CA LYS A 133 -13.07 18.62 5.07
C LYS A 133 -12.24 19.47 6.02
N THR A 134 -12.89 20.44 6.68
CA THR A 134 -12.19 21.56 7.30
C THR A 134 -12.57 21.74 8.75
N ALA A 135 -11.58 22.08 9.58
CA ALA A 135 -11.78 22.47 10.97
C ALA A 135 -11.18 23.85 11.22
N VAL A 136 -11.92 24.72 11.90
CA VAL A 136 -11.43 26.04 12.32
C VAL A 136 -11.41 26.08 13.85
N LEU A 137 -10.23 26.33 14.43
CA LEU A 137 -10.06 26.43 15.88
C LEU A 137 -9.94 27.90 16.27
N ASP A 138 -10.67 28.32 17.31
CA ASP A 138 -10.54 29.68 17.84
C ASP A 138 -10.71 29.70 19.36
N TYR A 139 -9.79 30.38 20.03
CA TYR A 139 -9.81 30.60 21.47
C TYR A 139 -9.30 32.00 21.77
N VAL A 140 -9.91 32.67 22.73
CA VAL A 140 -9.53 34.05 23.09
C VAL A 140 -8.99 34.05 24.51
N GLU A 141 -7.67 34.13 24.65
CA GLU A 141 -6.99 34.29 25.94
C GLU A 141 -7.44 35.60 26.61
N PRO A 142 -8.03 35.56 27.80
CA PRO A 142 -8.51 36.81 28.44
C PRO A 142 -7.38 37.81 28.66
N THR A 143 -7.74 39.11 28.68
CA THR A 143 -6.82 40.17 29.07
C THR A 143 -6.50 40.05 30.57
N PRO A 144 -5.49 40.79 31.07
CA PRO A 144 -5.18 40.73 32.51
C PRO A 144 -6.35 41.07 33.44
N ILE A 145 -7.31 41.91 33.03
CA ILE A 145 -8.47 42.17 33.87
C ILE A 145 -9.64 41.23 33.58
N GLY A 146 -9.49 40.29 32.63
CA GLY A 146 -10.51 39.28 32.39
C GLY A 146 -11.36 39.46 31.13
N THR A 147 -11.15 40.52 30.36
CA THR A 147 -11.94 40.75 29.16
C THR A 147 -11.75 39.64 28.14
N THR A 148 -12.86 39.18 27.54
CA THR A 148 -12.89 38.15 26.51
C THR A 148 -14.07 38.47 25.57
N TRP A 149 -14.15 37.73 24.44
CA TRP A 149 -15.11 38.02 23.36
C TRP A 149 -15.26 36.80 22.45
N GLY A 150 -16.10 36.95 21.40
CA GLY A 150 -16.55 35.84 20.59
C GLY A 150 -15.77 35.64 19.29
N LEU A 151 -16.33 34.80 18.42
CA LEU A 151 -15.65 34.40 17.19
C LEU A 151 -15.52 35.57 16.21
N GLY A 152 -14.37 35.64 15.53
CA GLY A 152 -14.19 36.66 14.50
C GLY A 152 -12.87 37.40 14.42
N GLY A 153 -12.07 37.35 15.49
CA GLY A 153 -10.72 37.90 15.48
C GLY A 153 -10.62 39.33 16.00
N THR A 154 -9.43 39.91 15.83
CA THR A 154 -9.16 41.23 16.42
C THR A 154 -10.00 42.33 15.78
N CYS A 155 -10.09 42.33 14.43
CA CYS A 155 -10.80 43.40 13.74
C CYS A 155 -12.26 43.49 14.16
N VAL A 156 -12.97 42.34 14.15
CA VAL A 156 -14.40 42.28 14.43
C VAL A 156 -14.71 42.72 15.86
N ASN A 157 -13.91 42.26 16.84
CA ASN A 157 -14.22 42.37 18.25
C ASN A 157 -13.54 43.54 18.95
N VAL A 158 -12.27 43.82 18.64
CA VAL A 158 -11.51 44.81 19.41
C VAL A 158 -10.62 45.62 18.46
N GLY A 159 -11.10 45.86 17.22
CA GLY A 159 -10.31 46.52 16.19
C GLY A 159 -11.09 47.38 15.21
N CYS A 160 -10.96 47.11 13.89
CA CYS A 160 -11.50 48.03 12.89
C CYS A 160 -12.97 48.39 13.15
N ILE A 161 -13.79 47.41 13.53
CA ILE A 161 -15.24 47.58 13.58
C ILE A 161 -15.65 48.47 14.77
N PRO A 162 -15.33 48.14 16.02
CA PRO A 162 -15.70 49.07 17.10
C PRO A 162 -14.95 50.39 17.06
N LYS A 163 -13.70 50.41 16.56
CA LYS A 163 -12.95 51.66 16.45
C LYS A 163 -13.64 52.64 15.51
N LYS A 164 -14.07 52.17 14.33
CA LYS A 164 -14.71 53.10 13.41
C LYS A 164 -16.10 53.50 13.87
N LEU A 165 -16.82 52.62 14.58
CA LEU A 165 -18.12 53.01 15.09
C LEU A 165 -18.00 54.11 16.14
N MET A 166 -16.96 54.04 17.01
CA MET A 166 -16.79 55.11 17.98
C MET A 166 -16.25 56.38 17.33
N HIS A 167 -15.39 56.23 16.30
CA HIS A 167 -15.01 57.37 15.46
C HIS A 167 -16.25 58.06 14.91
N GLN A 168 -17.21 57.28 14.41
CA GLN A 168 -18.43 57.90 13.86
C GLN A 168 -19.19 58.67 14.94
N ALA A 169 -19.27 58.12 16.14
CA ALA A 169 -19.90 58.82 17.26
C ALA A 169 -19.21 60.17 17.50
N GLY A 170 -17.89 60.20 17.38
CA GLY A 170 -17.16 61.46 17.54
C GLY A 170 -17.44 62.43 16.39
N LEU A 171 -17.45 61.92 15.15
CA LEU A 171 -17.77 62.77 14.00
C LEU A 171 -19.14 63.43 14.15
N LEU A 172 -20.09 62.73 14.74
CA LEU A 172 -21.43 63.29 14.91
C LEU A 172 -21.43 64.53 15.80
N SER A 173 -20.44 64.70 16.69
CA SER A 173 -20.38 65.92 17.48
C SER A 173 -20.25 67.16 16.60
N HIS A 174 -19.41 67.09 15.56
CA HIS A 174 -19.31 68.24 14.64
C HIS A 174 -20.53 68.37 13.74
N ALA A 175 -21.20 67.26 13.42
CA ALA A 175 -22.44 67.36 12.67
C ALA A 175 -23.49 68.15 13.45
N LEU A 176 -23.59 67.90 14.76
CA LEU A 176 -24.50 68.67 15.62
C LEU A 176 -24.14 70.15 15.60
N GLU A 177 -22.84 70.46 15.68
CA GLU A 177 -22.40 71.85 15.58
C GLU A 177 -22.77 72.45 14.22
N ASP A 178 -22.38 71.77 13.14
CA ASP A 178 -22.64 72.28 11.79
C ASP A 178 -24.13 72.49 11.53
N ALA A 179 -25.00 71.69 12.16
CA ALA A 179 -26.43 71.74 11.85
C ALA A 179 -27.01 73.12 12.10
N GLU A 180 -26.52 73.82 13.13
CA GLU A 180 -27.03 75.16 13.45
C GLU A 180 -26.80 76.11 12.29
N HIS A 181 -25.62 76.07 11.67
CA HIS A 181 -25.31 77.00 10.59
C HIS A 181 -26.11 76.69 9.34
N PHE A 182 -26.52 75.45 9.17
CA PHE A 182 -27.33 75.09 8.01
C PHE A 182 -28.81 75.29 8.27
N GLY A 183 -29.18 75.85 9.43
CA GLY A 183 -30.55 76.26 9.69
C GLY A 183 -31.33 75.42 10.68
N TRP A 184 -30.73 74.38 11.28
CA TRP A 184 -31.47 73.58 12.26
C TRP A 184 -31.44 74.24 13.65
N SER A 185 -32.55 74.09 14.39
CA SER A 185 -32.81 74.88 15.58
C SER A 185 -32.15 74.36 16.86
N LEU A 186 -31.55 73.18 16.86
CA LEU A 186 -30.95 72.64 18.08
C LEU A 186 -29.85 73.56 18.62
N ASP A 187 -29.53 73.38 19.91
CA ASP A 187 -28.45 74.09 20.60
C ASP A 187 -27.39 73.09 21.05
N ARG A 188 -26.27 73.07 20.31
CA ARG A 188 -25.20 72.08 20.56
C ARG A 188 -24.68 72.15 21.99
N SER A 189 -24.67 73.34 22.60
CA SER A 189 -24.10 73.49 23.93
C SER A 189 -24.93 72.84 25.04
N LYS A 190 -26.18 72.46 24.77
CA LYS A 190 -27.03 71.81 25.77
C LYS A 190 -27.14 70.30 25.56
N ILE A 191 -26.22 69.69 24.83
CA ILE A 191 -26.28 68.27 24.48
C ILE A 191 -25.05 67.58 25.03
N SER A 192 -25.23 66.38 25.57
CA SER A 192 -24.13 65.61 26.14
C SER A 192 -24.17 64.19 25.56
N HIS A 193 -23.10 63.45 25.81
CA HIS A 193 -22.94 62.09 25.29
C HIS A 193 -22.96 61.06 26.43
N ASN A 194 -23.63 59.92 26.18
CA ASN A 194 -23.74 58.83 27.15
C ASN A 194 -22.87 57.67 26.66
N TRP A 195 -21.73 57.45 27.34
CA TRP A 195 -20.79 56.40 26.93
C TRP A 195 -21.45 55.02 26.91
N SER A 196 -22.12 54.66 28.00
CA SER A 196 -22.62 53.28 28.09
C SER A 196 -23.70 52.99 27.04
N THR A 197 -24.51 53.99 26.67
CA THR A 197 -25.44 53.80 25.55
C THR A 197 -24.69 53.51 24.25
N MET A 198 -23.59 54.22 23.97
CA MET A 198 -22.79 53.91 22.79
C MET A 198 -22.25 52.48 22.82
N VAL A 199 -21.57 52.10 23.92
CA VAL A 199 -20.97 50.77 24.03
C VAL A 199 -22.04 49.68 23.82
N GLU A 200 -23.23 49.87 24.39
CA GLU A 200 -24.26 48.84 24.21
C GLU A 200 -24.63 48.68 22.74
N GLY A 201 -24.70 49.78 21.99
CA GLY A 201 -25.03 49.65 20.58
C GLY A 201 -23.91 49.04 19.77
N VAL A 202 -22.66 49.41 20.08
CA VAL A 202 -21.50 48.82 19.40
C VAL A 202 -21.46 47.32 19.66
N GLN A 203 -21.63 46.91 20.93
CA GLN A 203 -21.52 45.50 21.28
C GLN A 203 -22.66 44.67 20.72
N SER A 204 -23.84 45.25 20.54
CA SER A 204 -24.91 44.49 19.93
C SER A 204 -24.60 44.18 18.47
N HIS A 205 -23.98 45.13 17.74
CA HIS A 205 -23.54 44.82 16.37
C HIS A 205 -22.46 43.74 16.36
N ILE A 206 -21.46 43.86 17.24
CA ILE A 206 -20.42 42.83 17.30
C ILE A 206 -21.03 41.47 17.59
N GLY A 207 -22.03 41.43 18.48
CA GLY A 207 -22.67 40.16 18.79
C GLY A 207 -23.34 39.54 17.57
N SER A 208 -23.93 40.37 16.71
CA SER A 208 -24.53 39.83 15.49
C SER A 208 -23.46 39.33 14.52
N LEU A 209 -22.25 39.88 14.58
CA LEU A 209 -21.15 39.34 13.77
C LEU A 209 -20.65 38.00 14.32
N ASN A 210 -20.46 37.89 15.65
CA ASN A 210 -20.10 36.60 16.24
C ASN A 210 -21.07 35.50 15.79
N TRP A 211 -22.37 35.77 15.91
CA TRP A 211 -23.38 34.79 15.52
C TRP A 211 -23.30 34.49 14.02
N GLY A 212 -23.18 35.53 13.21
CA GLY A 212 -23.13 35.34 11.77
C GLY A 212 -21.99 34.44 11.32
N TYR A 213 -20.81 34.57 11.96
CA TYR A 213 -19.71 33.68 11.61
C TYR A 213 -19.99 32.24 12.01
N LYS A 214 -20.59 32.01 13.18
CA LYS A 214 -20.88 30.63 13.54
C LYS A 214 -21.92 30.01 12.61
N VAL A 215 -22.89 30.81 12.14
CA VAL A 215 -23.88 30.33 11.18
C VAL A 215 -23.20 30.02 9.85
N ALA A 216 -22.25 30.86 9.43
CA ALA A 216 -21.60 30.64 8.14
C ALA A 216 -20.77 29.36 8.13
N LEU A 217 -20.07 29.07 9.23
CA LEU A 217 -19.27 27.84 9.27
C LEU A 217 -20.18 26.62 9.25
N ARG A 218 -21.26 26.63 10.05
CA ARG A 218 -22.26 25.57 9.97
C ARG A 218 -22.76 25.35 8.53
N ASP A 219 -23.17 26.42 7.86
CA ASP A 219 -23.73 26.29 6.52
C ASP A 219 -22.73 25.86 5.44
N ASN A 220 -21.42 25.91 5.72
CA ASN A 220 -20.38 25.39 4.84
C ASN A 220 -19.83 24.04 5.30
N GLN A 221 -20.41 23.44 6.35
CA GLN A 221 -20.00 22.14 6.86
C GLN A 221 -18.58 22.17 7.42
N VAL A 222 -18.20 23.30 8.01
CA VAL A 222 -16.91 23.44 8.68
C VAL A 222 -17.10 23.11 10.16
N THR A 223 -16.19 22.30 10.71
CA THR A 223 -16.20 22.01 12.14
C THR A 223 -15.56 23.17 12.90
N TYR A 224 -16.33 23.79 13.81
CA TYR A 224 -15.82 24.86 14.66
C TYR A 224 -15.57 24.33 16.08
N LEU A 225 -14.33 24.42 16.53
CA LEU A 225 -13.94 24.01 17.88
C LEU A 225 -13.47 25.24 18.64
N ASN A 226 -14.17 25.58 19.72
CA ASN A 226 -13.77 26.70 20.60
C ASN A 226 -12.68 26.21 21.57
N ALA A 227 -11.52 25.88 21.00
CA ALA A 227 -10.43 25.28 21.75
C ALA A 227 -9.10 25.86 21.28
N LYS A 228 -8.10 25.82 22.18
CA LYS A 228 -6.76 26.30 21.87
C LYS A 228 -5.95 25.22 21.16
N GLY A 229 -5.30 25.60 20.05
CA GLY A 229 -4.56 24.66 19.23
C GLY A 229 -3.06 24.81 19.37
N ARG A 230 -2.34 23.70 19.19
CA ARG A 230 -0.89 23.68 19.29
C ARG A 230 -0.36 22.65 18.31
N LEU A 231 0.50 23.08 17.39
CA LEU A 231 1.07 22.19 16.38
C LEU A 231 2.27 21.45 16.97
N ILE A 232 2.15 20.13 17.10
CA ILE A 232 3.18 19.31 17.75
C ILE A 232 3.99 18.48 16.77
N SER A 233 3.48 18.27 15.56
CA SER A 233 4.24 17.71 14.45
C SER A 233 3.56 18.17 13.17
N PRO A 234 4.21 18.03 12.01
CA PRO A 234 3.64 18.59 10.77
C PRO A 234 2.17 18.31 10.52
N HIS A 235 1.64 17.19 11.01
CA HIS A 235 0.25 16.83 10.74
C HIS A 235 -0.61 16.69 11.99
N GLU A 236 -0.06 16.90 13.19
CA GLU A 236 -0.79 16.70 14.44
C GLU A 236 -1.00 18.02 15.18
N VAL A 237 -2.25 18.30 15.55
CA VAL A 237 -2.63 19.51 16.28
C VAL A 237 -3.22 19.05 17.61
N GLN A 238 -2.57 19.45 18.70
CA GLN A 238 -3.08 19.19 20.04
C GLN A 238 -4.07 20.27 20.45
N ILE A 239 -5.23 19.86 20.95
CA ILE A 239 -6.29 20.81 21.32
C ILE A 239 -6.59 20.68 22.82
N THR A 240 -6.91 21.82 23.43
CA THR A 240 -7.33 21.89 24.82
C THR A 240 -8.64 22.66 24.89
N ASP A 241 -9.70 22.01 25.40
CA ASP A 241 -11.04 22.60 25.40
C ASP A 241 -11.33 23.29 26.74
N LYS A 242 -12.57 23.79 26.88
CA LYS A 242 -12.87 24.63 28.04
C LYS A 242 -13.02 23.84 29.33
N ASN A 243 -12.85 22.52 29.30
CA ASN A 243 -12.79 21.69 30.50
C ASN A 243 -11.39 21.17 30.74
N GLN A 244 -10.41 21.67 29.99
CA GLN A 244 -9.01 21.25 30.03
C GLN A 244 -8.80 19.83 29.56
N LYS A 245 -9.73 19.28 28.78
CA LYS A 245 -9.52 17.98 28.15
C LYS A 245 -8.58 18.14 26.97
N VAL A 246 -7.53 17.31 26.91
CA VAL A 246 -6.50 17.39 25.88
C VAL A 246 -6.67 16.22 24.93
N SER A 247 -6.48 16.49 23.64
CA SER A 247 -6.59 15.46 22.61
C SER A 247 -5.87 15.93 21.35
N THR A 248 -5.76 15.04 20.37
CA THR A 248 -4.98 15.27 19.15
C THR A 248 -5.85 15.00 17.93
N ILE A 249 -5.85 15.94 16.98
CA ILE A 249 -6.47 15.74 15.67
C ILE A 249 -5.41 15.92 14.59
N THR A 250 -5.64 15.31 13.42
CA THR A 250 -4.68 15.31 12.33
C THR A 250 -5.27 15.93 11.07
N GLY A 251 -4.41 16.61 10.30
CA GLY A 251 -4.83 17.24 9.07
C GLY A 251 -3.74 17.20 8.02
N ASN A 252 -4.16 17.12 6.76
CA ASN A 252 -3.21 17.14 5.63
C ASN A 252 -2.49 18.49 5.54
N LYS A 253 -3.23 19.58 5.30
CA LYS A 253 -2.67 20.93 5.28
C LYS A 253 -3.01 21.67 6.57
N ILE A 254 -2.10 22.51 7.04
CA ILE A 254 -2.27 23.32 8.24
C ILE A 254 -2.12 24.79 7.84
N ILE A 255 -3.05 25.64 8.25
CA ILE A 255 -2.90 27.09 8.10
C ILE A 255 -2.78 27.71 9.48
N LEU A 256 -1.68 28.42 9.74
CA LEU A 256 -1.53 29.15 11.00
C LEU A 256 -2.04 30.58 10.82
N ALA A 257 -2.93 31.02 11.70
CA ALA A 257 -3.62 32.30 11.50
C ALA A 257 -4.03 32.88 12.87
N THR A 258 -3.08 32.93 13.80
CA THR A 258 -3.37 33.22 15.20
C THR A 258 -3.20 34.68 15.60
N GLY A 259 -2.71 35.55 14.69
CA GLY A 259 -2.71 36.98 14.99
C GLY A 259 -1.76 37.38 16.13
N GLU A 260 -2.04 38.56 16.70
CA GLU A 260 -1.20 39.19 17.73
C GLU A 260 -2.09 39.70 18.87
N ARG A 261 -1.44 40.13 19.96
CA ARG A 261 -2.10 40.81 21.07
C ARG A 261 -1.25 42.00 21.53
N PRO A 262 -1.85 42.95 22.25
CA PRO A 262 -1.11 44.17 22.63
C PRO A 262 0.05 43.92 23.59
N LYS A 263 1.10 44.73 23.46
CA LYS A 263 2.24 44.77 24.38
C LYS A 263 1.98 45.71 25.57
N TYR A 264 2.61 45.38 26.71
CA TYR A 264 2.74 46.28 27.86
C TYR A 264 4.20 46.64 28.10
N PRO A 265 4.48 47.88 28.52
CA PRO A 265 5.85 48.21 28.91
C PRO A 265 6.21 47.59 30.25
N GLU A 266 7.51 47.34 30.43
CA GLU A 266 8.02 46.67 31.63
C GLU A 266 8.27 47.72 32.73
N ILE A 267 7.17 48.20 33.30
CA ILE A 267 7.25 49.18 34.40
C ILE A 267 6.26 48.78 35.49
N PRO A 268 6.55 49.17 36.74
CA PRO A 268 5.62 48.87 37.84
C PRO A 268 4.25 49.49 37.60
N GLY A 269 3.20 48.69 37.78
CA GLY A 269 1.84 49.17 37.74
C GLY A 269 1.14 49.07 36.39
N ALA A 270 1.85 48.73 35.31
CA ALA A 270 1.24 48.77 33.98
C ALA A 270 0.17 47.70 33.81
N VAL A 271 0.52 46.43 34.08
CA VAL A 271 -0.43 45.33 33.92
C VAL A 271 -1.56 45.43 34.93
N GLU A 272 -1.23 45.84 36.16
CA GLU A 272 -2.20 45.88 37.24
C GLU A 272 -3.23 46.99 37.05
N TYR A 273 -2.80 48.18 36.65
CA TYR A 273 -3.66 49.35 36.74
C TYR A 273 -4.03 50.00 35.41
N GLY A 274 -3.33 49.68 34.31
CA GLY A 274 -3.67 50.18 33.00
C GLY A 274 -4.50 49.18 32.18
N ILE A 275 -4.93 49.64 31.00
CA ILE A 275 -5.69 48.82 30.05
C ILE A 275 -5.09 48.96 28.67
N THR A 276 -5.63 48.18 27.72
CA THR A 276 -5.28 48.32 26.31
C THR A 276 -6.54 48.50 25.47
N SER A 277 -6.33 48.59 24.14
CA SER A 277 -7.46 48.59 23.21
C SER A 277 -8.32 47.34 23.37
N ASP A 278 -7.73 46.20 23.76
CA ASP A 278 -8.53 44.99 24.01
C ASP A 278 -9.64 45.23 25.02
N ASP A 279 -9.42 46.11 26.01
CA ASP A 279 -10.41 46.36 27.05
C ASP A 279 -11.33 47.52 26.74
N LEU A 280 -10.86 48.49 25.93
CA LEU A 280 -11.55 49.76 25.79
C LEU A 280 -12.92 49.60 25.12
N PHE A 281 -13.03 48.73 24.12
CA PHE A 281 -14.24 48.72 23.31
C PHE A 281 -15.45 48.08 24.02
N SER A 282 -15.28 47.42 25.17
CA SER A 282 -16.43 46.97 25.96
C SER A 282 -16.42 47.54 27.38
N LEU A 283 -15.71 48.64 27.61
CA LEU A 283 -15.53 49.14 28.98
C LEU A 283 -16.88 49.60 29.54
N PRO A 284 -17.27 49.21 30.75
CA PRO A 284 -18.62 49.56 31.22
C PRO A 284 -18.80 51.00 31.71
N TYR A 285 -17.71 51.76 31.90
CA TYR A 285 -17.76 53.15 32.35
C TYR A 285 -16.96 54.04 31.41
N PHE A 286 -17.35 55.31 31.31
CA PHE A 286 -16.55 56.26 30.55
C PHE A 286 -15.15 56.32 31.16
N PRO A 287 -14.09 56.22 30.36
CA PRO A 287 -12.72 56.27 30.93
C PRO A 287 -12.44 57.52 31.74
N GLY A 288 -13.15 58.63 31.49
CA GLY A 288 -12.86 59.90 32.16
C GLY A 288 -11.55 60.51 31.67
N LYS A 289 -10.90 61.26 32.56
CA LYS A 289 -9.61 61.85 32.22
C LYS A 289 -8.60 60.76 31.91
N THR A 290 -8.04 60.78 30.69
CA THR A 290 -7.34 59.65 30.11
C THR A 290 -5.95 60.04 29.61
N LEU A 291 -4.98 59.18 29.90
CA LEU A 291 -3.66 59.22 29.28
C LEU A 291 -3.54 58.06 28.31
N VAL A 292 -3.11 58.36 27.08
CA VAL A 292 -2.77 57.37 26.08
C VAL A 292 -1.26 57.39 25.90
N ILE A 293 -0.62 56.25 26.12
CA ILE A 293 0.83 56.10 26.02
C ILE A 293 1.13 55.38 24.71
N GLY A 294 1.85 56.05 23.82
CA GLY A 294 2.10 55.54 22.49
C GLY A 294 1.70 56.56 21.43
N ALA A 295 2.05 56.23 20.18
CA ALA A 295 1.83 57.18 19.09
C ALA A 295 1.60 56.48 17.75
N SER A 296 1.24 55.20 17.77
CA SER A 296 0.78 54.45 16.62
C SER A 296 -0.58 54.95 16.15
N TYR A 297 -1.04 54.41 15.02
CA TYR A 297 -2.37 54.78 14.55
C TYR A 297 -3.44 54.37 15.57
N VAL A 298 -3.22 53.28 16.33
CA VAL A 298 -4.20 52.88 17.35
C VAL A 298 -4.26 53.93 18.47
N ALA A 299 -3.10 54.39 18.93
CA ALA A 299 -3.05 55.44 19.96
C ALA A 299 -3.78 56.70 19.52
N LEU A 300 -3.47 57.21 18.32
CA LEU A 300 -4.05 58.47 17.89
C LEU A 300 -5.55 58.35 17.60
N GLU A 301 -5.99 57.21 17.04
CA GLU A 301 -7.42 57.02 16.76
C GLU A 301 -8.23 56.99 18.05
N CYS A 302 -7.74 56.28 19.07
CA CYS A 302 -8.48 56.18 20.32
C CYS A 302 -8.49 57.53 21.06
N ALA A 303 -7.34 58.21 21.14
CA ALA A 303 -7.32 59.53 21.75
C ALA A 303 -8.24 60.50 21.01
N GLY A 304 -8.30 60.38 19.69
CA GLY A 304 -9.14 61.28 18.90
C GLY A 304 -10.63 61.14 19.19
N PHE A 305 -11.17 59.91 19.17
CA PHE A 305 -12.60 59.85 19.43
C PHE A 305 -12.93 60.13 20.90
N LEU A 306 -12.05 59.77 21.83
CA LEU A 306 -12.31 60.11 23.23
C LEU A 306 -12.46 61.62 23.42
N ALA A 307 -11.62 62.40 22.73
CA ALA A 307 -11.68 63.86 22.83
C ALA A 307 -12.98 64.41 22.24
N SER A 308 -13.40 63.88 21.10
CA SER A 308 -14.66 64.31 20.48
C SER A 308 -15.87 63.94 21.33
N LEU A 309 -15.77 62.89 22.14
CA LEU A 309 -16.88 62.48 23.00
C LEU A 309 -16.91 63.25 24.32
N GLY A 310 -16.03 64.25 24.49
CA GLY A 310 -16.07 65.11 25.65
C GLY A 310 -15.00 64.85 26.68
N GLY A 311 -14.06 63.93 26.44
CA GLY A 311 -13.07 63.61 27.44
C GLY A 311 -11.87 64.56 27.47
N ASP A 312 -11.16 64.53 28.60
CA ASP A 312 -9.93 65.29 28.82
C ASP A 312 -8.79 64.30 28.55
N VAL A 313 -8.08 64.49 27.43
CA VAL A 313 -7.23 63.44 26.87
C VAL A 313 -5.82 63.97 26.65
N THR A 314 -4.82 63.20 27.08
CA THR A 314 -3.41 63.48 26.84
C THR A 314 -2.76 62.27 26.16
N VAL A 315 -1.81 62.54 25.25
CA VAL A 315 -1.04 61.50 24.56
C VAL A 315 0.42 61.71 24.89
N MET A 316 1.11 60.65 25.35
CA MET A 316 2.51 60.76 25.74
C MET A 316 3.36 60.07 24.65
N VAL A 317 4.18 60.86 23.95
CA VAL A 317 4.87 60.47 22.71
C VAL A 317 6.36 60.24 23.00
N ARG A 318 6.85 59.00 22.78
CA ARG A 318 8.28 58.71 22.97
C ARG A 318 9.17 59.56 22.07
N SER A 319 8.96 59.48 20.75
CA SER A 319 9.77 60.22 19.78
C SER A 319 8.89 60.92 18.75
N ILE A 320 8.27 60.18 17.83
CA ILE A 320 7.49 60.80 16.76
C ILE A 320 6.10 60.16 16.66
N LEU A 321 5.20 60.87 15.98
CA LEU A 321 3.89 60.35 15.62
C LEU A 321 3.96 59.47 14.38
N LEU A 322 3.24 58.34 14.39
CA LEU A 322 3.02 57.51 13.21
C LEU A 322 4.32 57.10 12.52
N ARG A 323 5.26 56.55 13.31
CA ARG A 323 6.52 56.05 12.77
C ARG A 323 6.26 55.08 11.63
N GLY A 324 6.94 55.31 10.49
CA GLY A 324 6.73 54.50 9.30
C GLY A 324 5.80 55.10 8.25
N PHE A 325 5.00 56.12 8.60
CA PHE A 325 4.20 56.90 7.65
C PHE A 325 4.92 58.20 7.28
N ASP A 326 4.49 58.81 6.17
CA ASP A 326 5.00 60.12 5.74
C ASP A 326 4.94 61.13 6.88
N GLN A 327 6.11 61.71 7.23
CA GLN A 327 6.16 62.50 8.45
C GLN A 327 5.57 63.90 8.32
N GLN A 328 5.56 64.49 7.11
CA GLN A 328 4.80 65.73 6.92
C GLN A 328 3.31 65.52 7.19
N MET A 329 2.73 64.45 6.61
CA MET A 329 1.35 64.08 6.92
C MET A 329 1.14 63.75 8.40
N ALA A 330 2.06 62.99 9.03
CA ALA A 330 1.91 62.71 10.46
C ALA A 330 1.78 63.99 11.28
N GLU A 331 2.62 64.98 10.98
CA GLU A 331 2.63 66.23 11.74
C GLU A 331 1.33 67.02 11.54
N LYS A 332 0.81 67.08 10.31
CA LYS A 332 -0.49 67.72 10.08
C LYS A 332 -1.61 67.00 10.83
N VAL A 333 -1.58 65.67 10.87
CA VAL A 333 -2.57 64.91 11.65
C VAL A 333 -2.54 65.37 13.11
N GLY A 334 -1.34 65.46 13.70
CA GLY A 334 -1.23 65.80 15.11
C GLY A 334 -1.60 67.24 15.41
N ASP A 335 -1.17 68.17 14.55
CA ASP A 335 -1.52 69.59 14.73
C ASP A 335 -3.04 69.78 14.74
N TYR A 336 -3.76 69.11 13.82
CA TYR A 336 -5.21 69.19 13.87
C TYR A 336 -5.75 68.69 15.21
N MET A 337 -5.31 67.50 15.65
CA MET A 337 -5.79 67.01 16.94
C MET A 337 -5.51 67.98 18.07
N GLU A 338 -4.30 68.56 18.10
CA GLU A 338 -3.95 69.49 19.17
C GLU A 338 -4.79 70.78 19.11
N ASN A 339 -5.28 71.16 17.92
CA ASN A 339 -6.13 72.34 17.87
C ASN A 339 -7.55 72.06 18.30
N HIS A 340 -7.98 70.80 18.28
CA HIS A 340 -9.32 70.42 18.70
C HIS A 340 -9.30 69.59 19.98
N GLY A 341 -8.50 69.99 20.96
CA GLY A 341 -8.62 69.40 22.29
C GLY A 341 -7.48 68.54 22.82
N VAL A 342 -6.80 67.75 21.97
CA VAL A 342 -5.89 66.72 22.48
C VAL A 342 -4.58 67.35 22.94
N LYS A 343 -4.16 67.01 24.16
CA LYS A 343 -2.89 67.48 24.69
C LYS A 343 -1.81 66.44 24.40
N PHE A 344 -0.59 66.91 24.14
CA PHE A 344 0.54 66.03 23.85
C PHE A 344 1.67 66.28 24.84
N ALA A 345 2.17 65.21 25.44
CA ALA A 345 3.42 65.24 26.22
C ALA A 345 4.51 64.62 25.34
N LYS A 346 5.30 65.49 24.71
CA LYS A 346 6.24 65.12 23.65
C LYS A 346 7.61 64.77 24.20
N LEU A 347 8.26 63.76 23.59
CA LEU A 347 9.58 63.27 24.01
C LEU A 347 9.58 62.79 25.47
N CYS A 348 8.65 61.90 25.80
CA CYS A 348 8.34 61.55 27.19
C CYS A 348 8.00 60.06 27.28
N VAL A 349 8.46 59.39 28.34
CA VAL A 349 8.10 57.98 28.55
C VAL A 349 7.67 57.73 30.00
N PRO A 350 6.85 56.72 30.26
CA PRO A 350 6.38 56.48 31.63
C PRO A 350 7.37 55.63 32.43
N ASP A 351 7.50 55.94 33.73
CA ASP A 351 8.32 55.12 34.64
C ASP A 351 7.42 54.33 35.63
N ILE A 353 3.22 53.49 37.21
CA ILE A 353 1.81 53.78 37.54
C ILE A 353 1.47 53.43 39.00
N LYS A 354 0.95 54.39 39.77
CA LYS A 354 0.50 54.15 41.15
C LYS A 354 -1.02 54.22 41.25
N GLN A 355 -1.62 53.32 42.04
CA GLN A 355 -3.06 53.30 42.24
C GLN A 355 -3.48 54.21 43.39
N LEU A 356 -4.34 55.19 43.10
CA LEU A 356 -4.92 56.03 44.13
C LEU A 356 -6.35 55.65 44.51
N LYS A 357 -7.12 55.10 43.55
CA LYS A 357 -8.45 54.55 43.80
C LYS A 357 -8.66 53.31 42.96
N VAL A 358 -9.32 52.29 43.57
CA VAL A 358 -9.72 51.08 42.87
C VAL A 358 -10.94 51.36 42.01
N VAL A 359 -11.04 50.66 40.87
CA VAL A 359 -12.20 50.81 39.99
C VAL A 359 -13.47 50.49 40.75
N ASP A 360 -14.48 51.36 40.63
CA ASP A 360 -15.77 51.23 41.33
C ASP A 360 -16.70 50.40 40.45
N THR A 361 -16.63 49.09 40.61
CA THR A 361 -17.45 48.15 39.83
C THR A 361 -18.93 48.25 40.16
N GLU A 362 -19.30 48.72 41.35
CA GLU A 362 -20.70 48.82 41.71
C GLU A 362 -21.37 50.00 41.03
N ASN A 363 -20.85 51.21 41.30
CA ASN A 363 -21.43 52.43 40.77
C ASN A 363 -20.98 52.76 39.36
N ASN A 364 -20.12 51.92 38.76
CA ASN A 364 -19.78 52.04 37.36
C ASN A 364 -18.94 53.29 37.07
N LYS A 365 -17.81 53.41 37.74
CA LYS A 365 -16.94 54.58 37.69
C LYS A 365 -15.50 54.10 37.59
N PRO A 366 -14.63 54.85 36.91
CA PRO A 366 -13.21 54.46 36.89
C PRO A 366 -12.57 54.69 38.25
N GLY A 367 -11.33 54.23 38.39
CA GLY A 367 -10.51 54.54 39.55
C GLY A 367 -9.73 55.83 39.38
N LEU A 368 -8.52 55.88 39.93
CA LEU A 368 -7.66 57.06 39.84
C LEU A 368 -6.21 56.63 40.02
N LEU A 369 -5.31 57.25 39.25
CA LEU A 369 -3.94 56.80 39.13
C LEU A 369 -2.98 57.98 39.13
N LEU A 370 -1.77 57.76 39.64
CA LEU A 370 -0.66 58.70 39.52
C LEU A 370 0.35 58.13 38.52
N VAL A 371 0.63 58.87 37.44
CA VAL A 371 1.61 58.47 36.43
C VAL A 371 2.87 59.31 36.62
N LYS A 372 4.02 58.65 36.75
CA LYS A 372 5.31 59.31 36.84
C LYS A 372 6.18 58.90 35.64
N GLY A 373 6.87 59.87 35.05
CA GLY A 373 7.76 59.59 33.93
C GLY A 373 8.81 60.68 33.77
N HIS A 374 9.51 60.65 32.62
CA HIS A 374 10.51 61.68 32.37
C HIS A 374 10.63 61.99 30.88
N TYR A 375 10.98 63.25 30.58
CA TYR A 375 11.30 63.73 29.23
C TYR A 375 12.76 63.39 28.89
N THR A 376 13.07 63.45 27.58
CA THR A 376 14.38 62.96 27.14
C THR A 376 15.52 63.85 27.64
N ASP A 377 15.25 65.08 28.07
CA ASP A 377 16.27 65.92 28.68
C ASP A 377 16.42 65.67 30.17
N GLY A 378 15.62 64.77 30.75
CA GLY A 378 15.70 64.42 32.15
C GLY A 378 14.69 65.08 33.06
N LYS A 379 13.97 66.11 32.60
CA LYS A 379 12.94 66.72 33.43
C LYS A 379 11.83 65.69 33.74
N LYS A 380 11.07 65.95 34.80
CA LYS A 380 10.17 64.95 35.36
C LYS A 380 8.74 65.18 34.90
N PHE A 381 8.00 64.08 34.71
CA PHE A 381 6.57 64.11 34.43
C PHE A 381 5.84 63.48 35.62
N GLU A 382 4.80 64.16 36.12
CA GLU A 382 3.95 63.63 37.19
C GLU A 382 2.55 64.22 37.09
N GLU A 383 1.52 63.38 36.93
CA GLU A 383 0.14 63.83 36.74
C GLU A 383 -0.83 62.70 37.07
N GLU A 384 -2.05 63.08 37.50
CA GLU A 384 -3.11 62.14 37.84
C GLU A 384 -4.07 61.90 36.66
N PHE A 385 -4.52 60.64 36.51
CA PHE A 385 -5.49 60.29 35.48
C PHE A 385 -6.47 59.25 36.01
N GLU A 386 -7.68 59.22 35.44
CA GLU A 386 -8.64 58.17 35.80
C GLU A 386 -8.38 56.87 35.03
N THR A 387 -7.91 56.95 33.78
CA THR A 387 -7.64 55.78 32.95
C THR A 387 -6.33 55.97 32.20
N VAL A 388 -5.54 54.89 32.11
CA VAL A 388 -4.28 54.89 31.37
C VAL A 388 -4.35 53.77 30.35
N ILE A 389 -4.22 54.12 29.07
CA ILE A 389 -4.29 53.16 27.96
C ILE A 389 -2.92 53.03 27.33
N PHE A 390 -2.42 51.79 27.23
CA PHE A 390 -1.15 51.53 26.56
C PHE A 390 -1.41 51.13 25.11
N ALA A 391 -0.77 51.84 24.18
CA ALA A 391 -0.81 51.53 22.75
C ALA A 391 0.64 51.59 22.24
N VAL A 392 1.44 50.61 22.65
CA VAL A 392 2.88 50.61 22.39
C VAL A 392 3.29 49.41 21.54
N GLY A 393 2.39 48.95 20.68
CA GLY A 393 2.70 47.91 19.73
C GLY A 393 2.00 46.60 20.08
N ARG A 394 2.16 45.63 19.16
CA ARG A 394 1.49 44.33 19.22
C ARG A 394 2.49 43.25 18.80
N GLU A 395 2.32 42.03 19.33
CA GLU A 395 3.27 40.96 19.07
C GLU A 395 2.58 39.60 19.09
N PRO A 396 3.10 38.62 18.35
CA PRO A 396 2.60 37.26 18.47
C PRO A 396 3.30 36.57 19.64
N GLN A 397 2.76 35.43 20.03
CA GLN A 397 3.46 34.56 20.98
C GLN A 397 3.38 33.14 20.44
N LEU A 398 4.17 32.88 19.40
CA LEU A 398 4.03 31.61 18.69
C LEU A 398 4.54 30.43 19.50
N SER A 399 5.30 30.67 20.57
CA SER A 399 5.70 29.61 21.51
C SER A 399 4.54 29.38 22.47
N LYS A 400 3.50 28.74 21.97
CA LYS A 400 2.19 28.63 22.60
C LYS A 400 1.32 27.98 21.55
N VAL A 401 1.71 28.20 20.30
CA VAL A 401 1.02 27.67 19.14
C VAL A 401 1.82 26.57 18.47
N LEU A 402 3.15 26.56 18.64
CA LEU A 402 4.05 25.92 17.70
C LEU A 402 5.22 25.34 18.48
N CYS A 403 5.26 24.02 18.59
CA CYS A 403 6.43 23.35 19.18
C CYS A 403 7.67 23.61 18.35
N GLU A 404 8.80 23.81 19.02
CA GLU A 404 10.03 24.12 18.31
C GLU A 404 10.54 22.94 17.49
N THR A 405 10.16 21.72 17.85
CA THR A 405 10.65 20.55 17.13
C THR A 405 9.99 20.39 15.76
N VAL A 406 8.88 21.09 15.50
CA VAL A 406 8.21 20.94 14.21
C VAL A 406 9.10 21.46 13.08
N GLY A 407 9.91 22.48 13.34
CA GLY A 407 10.80 23.01 12.31
C GLY A 407 10.27 24.19 11.52
N VAL A 408 9.30 24.93 12.05
CA VAL A 408 8.80 26.13 11.38
C VAL A 408 9.70 27.30 11.76
N LYS A 409 10.37 27.87 10.76
CA LYS A 409 11.32 28.96 10.98
C LYS A 409 10.62 30.27 11.33
N LEU A 410 11.14 30.97 12.35
CA LEU A 410 10.69 32.30 12.74
C LEU A 410 11.81 33.32 12.57
N ASP A 411 11.44 34.60 12.43
CA ASP A 411 12.42 35.69 12.37
C ASP A 411 12.70 36.23 13.77
N LYS A 412 13.51 37.30 13.86
CA LYS A 412 13.95 37.83 15.16
C LYS A 412 12.81 38.47 15.96
N ASN A 413 11.71 38.83 15.31
CA ASN A 413 10.53 39.35 15.99
C ASN A 413 9.52 38.27 16.34
N GLY A 414 9.75 37.02 15.94
CA GLY A 414 8.82 35.97 16.27
C GLY A 414 7.73 35.75 15.25
N ARG A 415 7.85 36.30 14.06
CA ARG A 415 6.89 36.09 12.99
C ARG A 415 7.40 34.98 12.06
N VAL A 416 6.50 34.43 11.26
CA VAL A 416 6.79 33.23 10.46
C VAL A 416 7.37 33.63 9.11
N VAL A 417 8.52 33.06 8.78
CA VAL A 417 9.20 33.33 7.50
C VAL A 417 8.56 32.46 6.42
N CYS A 418 7.98 33.09 5.39
CA CYS A 418 7.18 32.39 4.39
C CYS A 418 7.69 32.69 2.99
N THR A 419 7.44 31.76 2.06
CA THR A 419 7.64 32.03 0.64
C THR A 419 6.48 32.89 0.12
N ASP A 420 6.57 33.33 -1.14
CA ASP A 420 5.53 34.21 -1.67
C ASP A 420 4.22 33.49 -1.96
N ASP A 421 4.12 32.21 -1.61
CA ASP A 421 2.84 31.49 -1.66
C ASP A 421 2.39 31.08 -0.26
N GLU A 422 2.91 31.77 0.77
CA GLU A 422 2.57 31.60 2.18
C GLU A 422 3.09 30.29 2.80
N GLN A 423 3.92 29.53 2.08
CA GLN A 423 4.48 28.29 2.62
C GLN A 423 5.55 28.56 3.69
N THR A 424 5.49 27.83 4.80
CA THR A 424 6.55 27.89 5.80
C THR A 424 7.70 26.94 5.42
N THR A 425 8.67 26.75 6.32
CA THR A 425 9.75 25.81 6.07
C THR A 425 9.31 24.36 6.24
N VAL A 426 8.07 24.12 6.68
CA VAL A 426 7.48 22.79 6.72
C VAL A 426 6.44 22.72 5.60
N SER A 427 6.61 21.76 4.69
CA SER A 427 6.05 21.88 3.34
C SER A 427 4.52 21.89 3.31
N ASN A 428 3.84 21.25 4.27
CA ASN A 428 2.38 21.25 4.32
C ASN A 428 1.80 22.34 5.22
N VAL A 429 2.62 23.22 5.77
CA VAL A 429 2.18 24.21 6.75
C VAL A 429 2.33 25.61 6.15
N TYR A 430 1.29 26.44 6.29
CA TYR A 430 1.27 27.79 5.74
C TYR A 430 0.93 28.80 6.83
N ALA A 431 1.21 30.08 6.57
CA ALA A 431 0.86 31.13 7.54
C ALA A 431 0.33 32.37 6.82
N ILE A 432 -0.72 32.97 7.38
CA ILE A 432 -1.41 34.13 6.78
C ILE A 432 -1.67 35.17 7.86
N GLY A 433 -1.89 36.42 7.42
CA GLY A 433 -2.31 37.46 8.33
C GLY A 433 -1.17 38.13 9.06
N ASP A 434 -1.42 38.62 10.28
CA ASP A 434 -0.42 39.45 10.96
C ASP A 434 0.87 38.68 11.30
N ILE A 435 0.84 37.36 11.41
CA ILE A 435 2.05 36.61 11.79
C ILE A 435 2.95 36.27 10.60
N ASN A 436 2.53 36.56 9.37
CA ASN A 436 3.38 36.37 8.19
C ASN A 436 4.39 37.52 8.14
N ALA A 437 5.68 37.21 8.34
CA ALA A 437 6.69 38.25 8.50
C ALA A 437 6.79 39.16 7.27
N GLY A 438 6.91 40.47 7.52
CA GLY A 438 7.14 41.45 6.49
C GLY A 438 5.93 41.92 5.70
N LYS A 439 4.73 41.40 5.97
CA LYS A 439 3.57 41.78 5.18
C LYS A 439 2.79 42.90 5.87
N PRO A 440 2.07 43.75 5.12
CA PRO A 440 1.20 44.74 5.78
C PRO A 440 0.21 44.04 6.69
N GLN A 441 -0.01 44.61 7.87
CA GLN A 441 -0.85 43.97 8.89
C GLN A 441 -2.25 44.59 8.85
N LEU A 442 -3.08 44.09 7.93
CA LEU A 442 -4.38 44.68 7.63
C LEU A 442 -5.40 43.58 7.37
N THR A 443 -6.66 43.83 7.72
CA THR A 443 -7.71 42.83 7.52
C THR A 443 -7.95 42.46 6.07
N PRO A 444 -8.06 43.40 5.11
CA PRO A 444 -8.25 42.96 3.72
C PRO A 444 -7.11 42.16 3.14
N VAL A 445 -5.89 42.40 3.59
CA VAL A 445 -4.75 41.57 3.15
C VAL A 445 -4.90 40.14 3.67
N ALA A 446 -5.25 39.99 4.95
CA ALA A 446 -5.37 38.66 5.53
C ALA A 446 -6.47 37.86 4.82
N ILE A 447 -7.58 38.53 4.52
CA ILE A 447 -8.70 37.91 3.79
C ILE A 447 -8.28 37.48 2.39
N GLN A 448 -7.66 38.40 1.63
CA GLN A 448 -7.19 38.04 0.28
C GLN A 448 -6.19 36.87 0.32
N ALA A 449 -5.23 36.92 1.23
CA ALA A 449 -4.24 35.85 1.33
C ALA A 449 -4.90 34.52 1.67
N GLY A 450 -5.84 34.52 2.61
CA GLY A 450 -6.52 33.29 2.98
C GLY A 450 -7.34 32.70 1.85
N ARG A 451 -8.15 33.52 1.18
CA ARG A 451 -8.99 32.99 0.10
C ARG A 451 -8.15 32.49 -1.07
N TYR A 452 -7.11 33.23 -1.44
CA TYR A 452 -6.29 32.83 -2.59
C TYR A 452 -5.52 31.54 -2.29
N LEU A 453 -5.02 31.39 -1.05
CA LEU A 453 -4.31 30.16 -0.67
C LEU A 453 -5.23 28.94 -0.72
N ALA A 454 -6.47 29.07 -0.22
CA ALA A 454 -7.43 27.96 -0.30
C ALA A 454 -7.67 27.51 -1.74
N ARG A 455 -7.81 28.46 -2.67
CA ARG A 455 -8.04 28.09 -4.06
C ARG A 455 -6.82 27.37 -4.65
N ARG A 456 -5.60 27.78 -4.28
CA ARG A 456 -4.43 27.08 -4.83
C ARG A 456 -4.31 25.67 -4.28
N LEU A 457 -4.60 25.46 -2.99
CA LEU A 457 -4.49 24.13 -2.38
C LEU A 457 -5.56 23.18 -2.89
N PHE A 458 -6.78 23.64 -3.09
CA PHE A 458 -7.88 22.72 -3.28
C PHE A 458 -8.62 22.88 -4.61
N ALA A 459 -8.28 23.86 -5.44
CA ALA A 459 -8.95 24.03 -6.72
C ALA A 459 -8.00 24.28 -7.88
N GLY A 460 -6.69 24.07 -7.71
CA GLY A 460 -5.74 24.20 -8.81
C GLY A 460 -5.47 25.61 -9.27
N ALA A 461 -5.84 26.63 -8.49
CA ALA A 461 -5.57 28.00 -8.88
C ALA A 461 -4.08 28.28 -8.83
N THR A 462 -3.64 29.31 -9.55
CA THR A 462 -2.26 29.74 -9.51
C THR A 462 -2.03 31.17 -9.02
N GLU A 463 -3.07 32.00 -8.93
CA GLU A 463 -2.90 33.41 -8.59
C GLU A 463 -2.31 33.60 -7.19
N LEU A 464 -1.31 34.47 -7.10
CA LEU A 464 -0.69 34.83 -5.83
C LEU A 464 -1.28 36.14 -5.30
N THR A 465 -1.17 36.34 -3.98
CA THR A 465 -1.54 37.62 -3.38
C THR A 465 -0.45 38.67 -3.65
N ASP A 466 -0.85 39.87 -4.07
CA ASP A 466 0.09 40.97 -4.36
C ASP A 466 0.09 41.92 -3.16
N TYR A 467 1.23 41.99 -2.45
CA TYR A 467 1.32 42.77 -1.23
C TYR A 467 1.88 44.19 -1.45
N SER A 468 2.08 44.63 -2.70
CA SER A 468 2.73 45.92 -2.96
C SER A 468 1.71 47.06 -3.10
N ASN A 469 2.07 48.25 -2.62
CA ASN A 469 1.25 49.45 -2.81
C ASN A 469 -0.17 49.27 -2.25
N VAL A 470 -0.28 48.62 -1.09
CA VAL A 470 -1.59 48.43 -0.46
C VAL A 470 -1.99 49.71 0.27
N ALA A 471 -3.15 50.27 -0.08
CA ALA A 471 -3.57 51.56 0.47
C ALA A 471 -4.01 51.42 1.94
N THR A 472 -3.91 52.54 2.68
CA THR A 472 -4.22 52.59 4.11
C THR A 472 -5.12 53.79 4.41
N THR A 473 -5.82 53.73 5.56
CA THR A 473 -6.44 54.95 6.10
C THR A 473 -6.35 54.97 7.62
N VAL A 474 -5.86 56.08 8.16
CA VAL A 474 -5.80 56.35 9.59
C VAL A 474 -7.03 57.17 9.98
N PHE A 475 -7.90 56.61 10.83
CA PHE A 475 -9.18 57.26 11.13
C PHE A 475 -9.10 58.16 12.36
N THR A 476 -8.17 59.14 12.29
CA THR A 476 -8.10 60.23 13.25
C THR A 476 -9.25 61.24 13.02
N PRO A 477 -9.47 62.20 13.94
CA PRO A 477 -10.61 63.13 13.75
C PRO A 477 -10.64 63.81 12.38
N LEU A 478 -9.49 64.18 11.83
CA LEU A 478 -9.36 64.43 10.39
C LEU A 478 -8.57 63.27 9.80
N GLU A 479 -9.18 62.54 8.86
CA GLU A 479 -8.70 61.24 8.38
C GLU A 479 -7.53 61.41 7.41
N TYR A 480 -6.67 60.38 7.35
CA TYR A 480 -5.46 60.41 6.50
C TYR A 480 -5.38 59.12 5.68
N GLY A 481 -5.55 59.25 4.37
CA GLY A 481 -5.44 58.12 3.45
C GLY A 481 -4.13 58.19 2.67
N ALA A 482 -3.56 57.03 2.35
CA ALA A 482 -2.31 56.96 1.58
C ALA A 482 -2.26 55.69 0.73
N CYS A 483 -1.52 55.77 -0.38
CA CYS A 483 -1.22 54.61 -1.21
C CYS A 483 0.15 54.78 -1.83
N GLY A 484 1.10 53.91 -1.46
CA GLY A 484 2.44 53.95 -2.02
C GLY A 484 3.47 54.56 -1.08
N LEU A 485 4.54 55.14 -1.64
CA LEU A 485 5.68 55.60 -0.86
C LEU A 485 5.41 56.93 -0.15
N SER A 486 6.00 57.09 1.01
CA SER A 486 6.13 58.43 1.59
C SER A 486 7.10 59.25 0.75
N GLU A 487 7.03 60.57 0.93
CA GLU A 487 7.91 61.45 0.15
C GLU A 487 9.38 61.22 0.53
N GLU A 488 9.67 61.05 1.83
CA GLU A 488 11.05 60.79 2.26
C GLU A 488 11.57 59.42 1.81
N ASP A 489 10.72 58.39 1.78
CA ASP A 489 11.16 57.11 1.20
C ASP A 489 11.48 57.24 -0.29
N ALA A 490 10.64 57.98 -1.03
CA ALA A 490 10.87 58.14 -2.47
C ALA A 490 12.21 58.83 -2.74
N ILE A 491 12.51 59.89 -1.98
CA ILE A 491 13.76 60.62 -2.16
C ILE A 491 14.95 59.73 -1.80
N GLU A 492 14.84 58.97 -0.71
CA GLU A 492 15.92 58.06 -0.35
C GLU A 492 16.22 57.06 -1.46
N LYS A 493 15.17 56.55 -2.13
CA LYS A 493 15.35 55.49 -3.11
C LYS A 493 15.83 56.00 -4.47
N TYR A 494 15.46 57.21 -4.85
CA TYR A 494 15.76 57.70 -6.18
C TYR A 494 16.59 58.97 -6.21
N GLY A 495 16.75 59.65 -5.08
CA GLY A 495 17.46 60.91 -5.06
C GLY A 495 16.54 62.09 -5.28
N ASP A 496 16.86 63.20 -4.62
CA ASP A 496 16.00 64.38 -4.65
C ASP A 496 15.79 64.92 -6.07
N LYS A 497 16.76 64.78 -6.96
CA LYS A 497 16.59 65.42 -8.26
C LYS A 497 15.66 64.64 -9.18
N ASP A 498 15.40 63.36 -8.91
CA ASP A 498 14.46 62.57 -9.69
C ASP A 498 13.03 62.57 -9.12
N ILE A 499 12.76 63.34 -8.07
CA ILE A 499 11.44 63.35 -7.43
C ILE A 499 10.80 64.73 -7.58
N GLU A 500 9.57 64.74 -8.11
CA GLU A 500 8.73 65.93 -8.17
C GLU A 500 7.48 65.71 -7.32
N VAL A 501 7.05 66.72 -6.57
CA VAL A 501 5.90 66.64 -5.67
C VAL A 501 4.89 67.72 -6.04
N TYR A 502 3.67 67.33 -6.43
CA TYR A 502 2.58 68.27 -6.66
C TYR A 502 1.67 68.30 -5.45
N HIS A 503 1.20 69.48 -5.06
CA HIS A 503 0.41 69.54 -3.82
C HIS A 503 -0.50 70.76 -3.79
N SER A 504 -1.49 70.70 -2.88
CA SER A 504 -2.48 71.75 -2.71
C SER A 504 -3.21 71.57 -1.37
N ASN A 505 -3.52 72.69 -0.72
CA ASN A 505 -4.57 72.72 0.29
C ASN A 505 -5.94 72.69 -0.38
N PHE A 506 -6.98 72.39 0.40
CA PHE A 506 -8.35 72.49 -0.09
C PHE A 506 -9.33 72.67 1.07
N LYS A 507 -10.54 73.11 0.75
CA LYS A 507 -11.61 73.30 1.73
C LYS A 507 -12.84 72.54 1.27
N PRO A 508 -13.33 71.57 2.04
CA PRO A 508 -14.61 70.92 1.69
C PRO A 508 -15.72 71.96 1.57
N LEU A 509 -16.56 71.80 0.55
CA LEU A 509 -17.69 72.73 0.40
C LEU A 509 -18.59 72.70 1.63
N GLU A 510 -18.83 71.50 2.19
CA GLU A 510 -19.55 71.35 3.46
C GLU A 510 -19.00 72.21 4.59
N TRP A 511 -17.73 72.61 4.53
CA TRP A 511 -17.11 73.39 5.61
C TRP A 511 -17.34 74.90 5.47
N THR A 512 -17.87 75.38 4.33
CA THR A 512 -17.95 76.83 4.13
C THR A 512 -19.02 77.45 5.00
N VAL A 513 -20.29 77.03 4.80
CA VAL A 513 -21.39 77.53 5.61
C VAL A 513 -21.16 77.25 7.10
N ALA A 514 -20.42 76.18 7.42
CA ALA A 514 -20.16 75.82 8.82
C ALA A 514 -19.01 76.61 9.47
N HIS A 515 -18.32 77.47 8.72
CA HIS A 515 -17.22 78.31 9.24
C HIS A 515 -16.06 77.47 9.80
N ARG A 516 -15.70 76.39 9.10
CA ARG A 516 -14.54 75.60 9.49
C ARG A 516 -13.29 76.10 8.75
N GLU A 517 -12.14 75.47 9.01
CA GLU A 517 -10.84 76.05 8.65
C GLU A 517 -10.57 76.04 7.14
N ASP A 518 -9.90 77.09 6.67
CA ASP A 518 -9.67 77.32 5.24
C ASP A 518 -8.59 76.43 4.65
N ASN A 519 -7.51 76.18 5.38
CA ASN A 519 -6.30 75.59 4.80
C ASN A 519 -5.72 74.51 5.70
N VAL A 520 -6.54 73.57 6.15
CA VAL A 520 -6.04 72.45 6.92
C VAL A 520 -6.02 71.17 6.09
N CYS A 521 -7.04 70.92 5.28
CA CYS A 521 -7.02 69.75 4.41
C CYS A 521 -5.91 69.94 3.37
N TYR A 522 -5.28 68.82 2.98
CA TYR A 522 -4.06 68.86 2.19
C TYR A 522 -3.96 67.57 1.38
N MET A 523 -3.35 67.66 0.19
CA MET A 523 -3.10 66.45 -0.59
C MET A 523 -1.85 66.64 -1.46
N LYS A 524 -1.18 65.53 -1.78
CA LYS A 524 0.02 65.61 -2.60
C LYS A 524 0.22 64.33 -3.39
N LEU A 525 0.91 64.45 -4.53
CA LEU A 525 1.35 63.31 -5.33
C LEU A 525 2.87 63.36 -5.45
N VAL A 526 3.53 62.25 -5.09
CA VAL A 526 4.99 62.12 -5.14
C VAL A 526 5.34 61.34 -6.40
N CYS A 527 6.07 61.95 -7.35
CA CYS A 527 6.28 61.37 -8.68
C CYS A 527 7.76 61.24 -9.05
N ARG A 528 8.04 60.31 -9.98
CA ARG A 528 9.39 60.05 -10.49
C ARG A 528 9.58 60.67 -11.88
N LYS A 529 10.42 61.70 -11.96
CA LYS A 529 10.60 62.43 -13.22
C LYS A 529 11.10 61.51 -14.34
N SER A 530 12.05 60.63 -14.04
CA SER A 530 12.69 59.87 -15.11
C SER A 530 11.87 58.66 -15.56
N ASP A 531 10.77 58.35 -14.87
CA ASP A 531 9.87 57.29 -15.34
C ASP A 531 8.53 57.88 -15.73
N ASN A 532 8.57 58.92 -16.58
CA ASN A 532 7.38 59.53 -17.18
C ASN A 532 6.46 60.13 -16.12
N MET A 533 7.05 60.60 -15.02
CA MET A 533 6.33 61.23 -13.90
C MET A 533 5.34 60.23 -13.28
N ARG A 534 5.83 59.00 -13.07
CA ARG A 534 5.06 57.93 -12.44
C ARG A 534 4.64 58.31 -11.02
N VAL A 535 3.39 58.04 -10.66
CA VAL A 535 2.93 58.33 -9.30
C VAL A 535 3.46 57.23 -8.37
N LEU A 536 4.42 57.59 -7.51
CA LEU A 536 5.02 56.71 -6.52
C LEU A 536 4.21 56.64 -5.22
N GLY A 537 3.54 57.73 -4.84
CA GLY A 537 2.70 57.73 -3.65
C GLY A 537 1.68 58.85 -3.70
N LEU A 538 0.51 58.60 -3.08
CA LEU A 538 -0.61 59.52 -2.99
C LEU A 538 -0.99 59.71 -1.52
N HIS A 539 -1.21 60.97 -1.09
CA HIS A 539 -1.50 61.28 0.31
C HIS A 539 -2.63 62.31 0.40
N VAL A 540 -3.59 62.10 1.30
CA VAL A 540 -4.69 63.05 1.46
C VAL A 540 -5.14 63.09 2.93
N LEU A 541 -5.22 64.31 3.45
CA LEU A 541 -5.78 64.60 4.78
C LEU A 541 -7.10 65.34 4.59
N GLY A 542 -8.20 64.75 5.06
CA GLY A 542 -9.51 65.38 4.92
C GLY A 542 -10.66 64.43 5.25
N PRO A 543 -11.89 64.91 5.13
CA PRO A 543 -13.03 64.04 5.46
C PRO A 543 -13.17 62.92 4.44
N ASN A 544 -13.63 61.74 4.91
CA ASN A 544 -13.88 60.57 4.07
C ASN A 544 -12.63 60.16 3.26
N ALA A 545 -11.46 60.25 3.89
CA ALA A 545 -10.20 59.99 3.21
C ALA A 545 -10.10 58.55 2.69
N GLY A 546 -10.73 57.60 3.38
CA GLY A 546 -10.75 56.24 2.89
C GLY A 546 -11.55 56.08 1.61
N GLU A 547 -12.76 56.67 1.57
CA GLU A 547 -13.53 56.64 0.34
C GLU A 547 -12.77 57.31 -0.81
N ILE A 548 -12.09 58.43 -0.54
CA ILE A 548 -11.34 59.16 -1.57
C ILE A 548 -10.23 58.29 -2.15
N THR A 549 -9.39 57.71 -1.27
CA THR A 549 -8.17 57.01 -1.65
C THR A 549 -8.43 55.71 -2.40
N GLN A 550 -9.48 54.97 -2.03
CA GLN A 550 -9.61 53.59 -2.51
C GLN A 550 -9.52 53.48 -4.03
N GLY A 551 -10.27 54.31 -4.75
CA GLY A 551 -10.31 54.14 -6.20
C GLY A 551 -8.98 54.38 -6.86
N TYR A 552 -8.22 55.37 -6.36
CA TYR A 552 -6.91 55.62 -6.92
C TYR A 552 -5.96 54.44 -6.74
N ALA A 553 -6.20 53.55 -5.76
CA ALA A 553 -5.32 52.40 -5.56
C ALA A 553 -5.31 51.47 -6.77
N VAL A 554 -6.46 51.36 -7.46
CA VAL A 554 -6.49 50.60 -8.72
C VAL A 554 -5.60 51.25 -9.78
N ALA A 555 -5.66 52.57 -9.90
CA ALA A 555 -4.86 53.24 -10.93
C ALA A 555 -3.36 53.13 -10.63
N ILE A 556 -2.98 53.27 -9.35
CA ILE A 556 -1.58 53.09 -8.97
C ILE A 556 -1.12 51.66 -9.27
N LYS A 557 -1.93 50.65 -8.93
CA LYS A 557 -1.65 49.27 -9.30
C LYS A 557 -1.31 49.13 -10.78
N MET A 558 -2.02 49.87 -11.65
CA MET A 558 -1.78 49.81 -13.10
C MET A 558 -0.66 50.72 -13.59
N GLY A 559 0.04 51.44 -12.69
CA GLY A 559 1.15 52.30 -13.09
C GLY A 559 0.78 53.71 -13.56
N ALA A 560 -0.19 54.34 -12.89
CA ALA A 560 -0.63 55.69 -13.27
C ALA A 560 0.52 56.69 -13.21
N THR A 561 0.51 57.65 -14.13
CA THR A 561 1.43 58.78 -14.17
C THR A 561 0.67 60.07 -13.91
N LYS A 562 1.42 61.16 -13.72
CA LYS A 562 0.80 62.46 -13.56
C LYS A 562 -0.10 62.79 -14.75
N ALA A 563 0.32 62.38 -15.96
CA ALA A 563 -0.48 62.66 -17.16
C ALA A 563 -1.84 61.95 -17.13
N ASP A 564 -1.92 60.76 -16.52
CA ASP A 564 -3.19 60.06 -16.41
C ASP A 564 -4.14 60.79 -15.46
N PHE A 565 -3.61 61.39 -14.39
CA PHE A 565 -4.42 62.21 -13.50
C PHE A 565 -4.92 63.48 -14.21
N ASP A 566 -4.05 64.12 -15.03
CA ASP A 566 -4.43 65.36 -15.70
C ASP A 566 -5.52 65.14 -16.75
N ARG A 567 -5.47 64.04 -17.51
CA ARG A 567 -6.43 63.84 -18.59
C ARG A 567 -7.78 63.31 -18.07
N THR A 568 -7.83 62.76 -16.86
CA THR A 568 -9.09 62.42 -16.22
C THR A 568 -9.79 63.68 -15.69
N ILE A 569 -11.12 63.78 -15.91
CA ILE A 569 -11.88 64.98 -15.51
C ILE A 569 -12.46 64.78 -14.11
N GLY A 570 -12.61 65.88 -13.36
CA GLY A 570 -13.14 65.77 -12.01
C GLY A 570 -14.65 65.66 -11.94
N ILE A 571 -15.14 65.17 -10.78
CA ILE A 571 -16.54 65.24 -10.36
C ILE A 571 -16.70 66.41 -9.41
N HIS A 572 -17.66 67.29 -9.69
CA HIS A 572 -17.84 68.52 -8.93
C HIS A 572 -19.26 68.59 -8.36
N PRO A 573 -19.42 69.02 -7.09
CA PRO A 573 -18.37 69.37 -6.11
C PRO A 573 -17.98 68.20 -5.21
N THR A 574 -16.70 67.81 -5.21
CA THR A 574 -16.14 66.78 -4.32
C THR A 574 -14.80 67.27 -3.78
N CYS A 575 -14.34 66.63 -2.70
CA CYS A 575 -12.94 66.82 -2.28
C CYS A 575 -11.99 66.09 -3.21
N SER A 576 -12.38 64.88 -3.67
CA SER A 576 -11.44 64.06 -4.43
C SER A 576 -11.03 64.68 -5.77
N GLU A 577 -11.89 65.52 -6.39
CA GLU A 577 -11.56 66.12 -7.68
C GLU A 577 -10.30 66.98 -7.64
N THR A 578 -9.90 67.47 -6.47
CA THR A 578 -8.66 68.27 -6.39
C THR A 578 -7.45 67.49 -6.92
N PHE A 579 -7.48 66.14 -6.87
CA PHE A 579 -6.38 65.34 -7.43
C PHE A 579 -6.26 65.45 -8.95
N THR A 580 -7.31 65.92 -9.66
CA THR A 580 -7.28 65.92 -11.12
C THR A 580 -6.71 67.20 -11.70
N THR A 581 -6.52 68.25 -10.89
CA THR A 581 -6.04 69.54 -11.40
C THR A 581 -4.78 70.03 -10.67
N LEU A 582 -4.03 69.15 -10.01
CA LEU A 582 -2.86 69.58 -9.26
C LEU A 582 -1.80 70.17 -10.20
N HIS A 583 -1.15 71.26 -9.76
CA HIS A 583 -0.15 71.91 -10.60
C HIS A 583 1.01 72.59 -9.85
N VAL A 584 0.84 72.97 -8.58
CA VAL A 584 1.94 73.61 -7.83
C VAL A 584 2.95 72.55 -7.40
N THR A 585 4.23 72.76 -7.70
CA THR A 585 5.28 71.84 -7.29
C THR A 585 5.96 72.36 -6.04
N LYS A 586 6.52 71.45 -5.25
CA LYS A 586 7.29 71.90 -4.09
C LYS A 586 8.55 72.65 -4.52
N LYS A 587 9.21 72.20 -5.60
CA LYS A 587 10.44 72.88 -6.00
C LYS A 587 10.21 74.32 -6.42
N SER A 588 9.02 74.65 -6.94
CA SER A 588 8.77 76.01 -7.36
C SER A 588 8.70 76.99 -6.20
N GLY A 589 8.49 76.50 -4.97
CA GLY A 589 8.31 77.39 -3.83
C GLY A 589 7.00 78.16 -3.78
N VAL A 590 6.09 77.96 -4.75
CA VAL A 590 4.80 78.63 -4.73
C VAL A 590 3.95 78.06 -3.60
N SER A 591 3.16 78.92 -2.95
CA SER A 591 2.34 78.47 -1.83
C SER A 591 1.23 77.52 -2.28
N PRO A 592 0.95 76.46 -1.51
CA PRO A 592 -0.18 75.57 -1.83
C PRO A 592 -1.53 76.01 -1.28
N ILE A 593 -1.62 77.11 -0.54
CA ILE A 593 -2.93 77.57 -0.05
C ILE A 593 -3.84 77.92 -1.22
N VAL A 594 -5.13 77.91 -0.96
CA VAL A 594 -6.13 78.07 -2.02
C VAL A 594 -6.91 79.37 -1.89
N GLY B 7 20.30 -64.62 -32.66
CA GLY B 7 19.44 -63.46 -32.78
C GLY B 7 17.98 -63.80 -32.49
N THR B 8 17.23 -64.11 -33.55
CA THR B 8 15.89 -64.64 -33.36
C THR B 8 15.92 -65.94 -32.56
N SER B 9 16.97 -66.74 -32.73
CA SER B 9 17.09 -68.01 -32.01
C SER B 9 17.05 -67.79 -30.51
N GLN B 10 17.88 -66.88 -29.99
CA GLN B 10 18.03 -66.74 -28.55
C GLN B 10 16.86 -66.00 -27.91
N TRP B 11 16.16 -65.14 -28.64
CA TRP B 11 14.92 -64.59 -28.12
C TRP B 11 13.89 -65.69 -27.90
N LEU B 12 13.70 -66.55 -28.90
CA LEU B 12 12.68 -67.59 -28.81
C LEU B 12 12.96 -68.53 -27.65
N ARG B 13 14.23 -68.92 -27.48
CA ARG B 13 14.61 -69.75 -26.33
C ARG B 13 14.22 -69.09 -25.02
N LYS B 14 14.53 -67.80 -24.90
CA LYS B 14 14.24 -67.07 -23.66
C LYS B 14 12.74 -66.98 -23.41
N THR B 15 11.96 -66.74 -24.46
CA THR B 15 10.51 -66.62 -24.32
C THR B 15 9.87 -67.94 -23.89
N VAL B 16 10.31 -69.05 -24.48
CA VAL B 16 9.71 -70.34 -24.17
C VAL B 16 10.05 -70.77 -22.74
N ASP B 17 11.32 -70.62 -22.33
CA ASP B 17 11.72 -71.04 -20.98
C ASP B 17 11.05 -70.23 -19.88
N SER B 18 10.57 -69.02 -20.17
CA SER B 18 10.09 -68.12 -19.12
C SER B 18 8.58 -67.97 -19.08
N ALA B 19 7.89 -68.04 -20.22
CA ALA B 19 6.44 -67.91 -20.24
C ALA B 19 5.78 -69.03 -19.44
N ALA B 20 4.69 -68.67 -18.74
CA ALA B 20 3.91 -69.68 -18.04
C ALA B 20 3.02 -70.48 -18.99
N VAL B 21 2.24 -69.78 -19.83
CA VAL B 21 1.40 -70.38 -20.86
C VAL B 21 1.45 -69.47 -22.08
N ILE B 22 1.93 -70.00 -23.22
CA ILE B 22 2.07 -69.16 -24.41
C ILE B 22 1.65 -69.94 -25.66
N LEU B 23 0.81 -69.31 -26.49
CA LEU B 23 0.33 -69.83 -27.75
C LEU B 23 1.00 -69.09 -28.89
N PHE B 24 1.60 -69.83 -29.82
CA PHE B 24 2.11 -69.25 -31.08
C PHE B 24 1.06 -69.46 -32.15
N SER B 25 0.62 -68.37 -32.78
CA SER B 25 -0.61 -68.39 -33.57
C SER B 25 -0.44 -67.50 -34.81
N LYS B 26 -1.49 -67.49 -35.63
CA LYS B 26 -1.67 -66.53 -36.72
C LYS B 26 -3.12 -66.07 -36.72
N THR B 27 -3.33 -64.78 -37.01
CA THR B 27 -4.65 -64.20 -36.91
C THR B 27 -5.62 -64.81 -37.91
N THR B 28 -5.10 -65.31 -39.03
CA THR B 28 -5.90 -65.81 -40.14
C THR B 28 -6.26 -67.29 -40.02
N CYS B 29 -5.69 -68.01 -39.06
CA CYS B 29 -5.78 -69.47 -39.02
C CYS B 29 -7.00 -69.91 -38.21
N PRO B 30 -7.94 -70.66 -38.79
CA PRO B 30 -9.08 -71.14 -38.00
C PRO B 30 -8.72 -72.23 -37.00
N TYR B 31 -7.59 -72.92 -37.17
CA TYR B 31 -7.17 -73.89 -36.16
C TYR B 31 -6.71 -73.18 -34.89
N CYS B 32 -6.02 -72.04 -35.03
CA CYS B 32 -5.67 -71.24 -33.87
C CYS B 32 -6.92 -70.70 -33.17
N LYS B 33 -7.90 -70.24 -33.95
CA LYS B 33 -9.15 -69.74 -33.39
C LYS B 33 -9.83 -70.79 -32.52
N LYS B 34 -9.77 -72.07 -32.94
CA LYS B 34 -10.39 -73.14 -32.19
C LYS B 34 -9.64 -73.39 -30.88
N VAL B 35 -8.31 -73.30 -30.90
CA VAL B 35 -7.54 -73.49 -29.67
C VAL B 35 -7.79 -72.37 -28.69
N LYS B 36 -7.79 -71.11 -29.18
CA LYS B 36 -8.09 -69.97 -28.32
C LYS B 36 -9.42 -70.14 -27.61
N ASP B 37 -10.45 -70.58 -28.33
CA ASP B 37 -11.78 -70.72 -27.76
C ASP B 37 -11.80 -71.78 -26.65
N VAL B 38 -11.12 -72.90 -26.88
CA VAL B 38 -11.00 -73.92 -25.84
C VAL B 38 -10.35 -73.34 -24.59
N LEU B 39 -9.24 -72.62 -24.77
CA LEU B 39 -8.56 -72.03 -23.62
C LEU B 39 -9.45 -71.01 -22.91
N ALA B 40 -10.17 -70.17 -23.67
CA ALA B 40 -11.09 -69.21 -23.08
C ALA B 40 -12.17 -69.93 -22.26
N GLU B 41 -12.78 -70.97 -22.83
CA GLU B 41 -13.85 -71.67 -22.12
C GLU B 41 -13.34 -72.31 -20.83
N ALA B 42 -12.17 -72.93 -20.87
CA ALA B 42 -11.59 -73.52 -19.67
C ALA B 42 -11.03 -72.49 -18.72
N LYS B 43 -11.17 -71.19 -19.03
CA LYS B 43 -10.68 -70.10 -18.19
C LYS B 43 -9.18 -70.24 -17.93
N ILE B 44 -8.43 -70.53 -19.00
CA ILE B 44 -6.98 -70.61 -18.95
C ILE B 44 -6.43 -69.35 -19.61
N LYS B 45 -5.76 -68.50 -18.83
CA LYS B 45 -5.12 -67.30 -19.33
C LYS B 45 -3.74 -67.63 -19.88
N HIS B 46 -3.34 -66.90 -20.93
CA HIS B 46 -2.13 -67.19 -21.66
C HIS B 46 -1.69 -65.98 -22.48
N ALA B 47 -0.40 -65.90 -22.76
CA ALA B 47 0.14 -64.98 -23.76
C ALA B 47 -0.07 -65.55 -25.16
N THR B 48 -0.12 -64.65 -26.16
CA THR B 48 -0.27 -65.04 -27.55
C THR B 48 0.69 -64.24 -28.41
N ILE B 49 1.38 -64.91 -29.34
CA ILE B 49 2.28 -64.27 -30.28
C ILE B 49 1.73 -64.53 -31.68
N GLU B 50 1.27 -63.47 -32.36
CA GLU B 50 0.69 -63.60 -33.70
C GLU B 50 1.81 -63.46 -34.72
N LEU B 51 2.31 -64.61 -35.21
CA LEU B 51 3.48 -64.61 -36.09
C LEU B 51 3.27 -63.81 -37.38
N ASP B 52 2.05 -63.82 -37.92
CA ASP B 52 1.77 -63.05 -39.14
C ASP B 52 1.77 -61.53 -38.92
N GLN B 53 2.23 -61.03 -37.77
CA GLN B 53 2.35 -59.59 -37.53
C GLN B 53 3.72 -59.21 -37.00
N LEU B 54 4.72 -60.07 -37.19
CA LEU B 54 6.08 -59.77 -36.78
C LEU B 54 6.98 -59.71 -38.00
N SER B 55 8.00 -58.86 -37.94
CA SER B 55 8.89 -58.68 -39.07
C SER B 55 9.45 -60.01 -39.56
N ASN B 56 10.01 -60.79 -38.65
CA ASN B 56 10.59 -62.08 -39.01
C ASN B 56 9.82 -63.23 -38.38
N GLY B 57 8.49 -63.15 -38.45
CA GLY B 57 7.66 -64.26 -38.01
C GLY B 57 7.92 -65.55 -38.79
N SER B 58 8.30 -65.43 -40.06
CA SER B 58 8.64 -66.62 -40.84
C SER B 58 9.86 -67.31 -40.27
N ALA B 59 10.83 -66.53 -39.77
CA ALA B 59 12.03 -67.10 -39.17
C ALA B 59 11.71 -67.78 -37.84
N ILE B 60 10.82 -67.18 -37.05
CA ILE B 60 10.41 -67.80 -35.78
C ILE B 60 9.72 -69.14 -36.06
N GLN B 61 8.88 -69.17 -37.08
CA GLN B 61 8.03 -70.34 -37.31
C GLN B 61 8.86 -71.59 -37.55
N LYS B 62 9.97 -71.45 -38.30
CA LYS B 62 10.89 -72.57 -38.47
C LYS B 62 11.76 -72.80 -37.25
N CYS B 63 11.95 -71.78 -36.42
CA CYS B 63 12.75 -71.95 -35.21
C CYS B 63 12.01 -72.71 -34.12
N LEU B 64 10.67 -72.61 -34.11
CA LEU B 64 9.87 -73.37 -33.16
C LEU B 64 10.10 -74.87 -33.31
N ALA B 65 10.52 -75.32 -34.49
CA ALA B 65 10.81 -76.74 -34.70
C ALA B 65 11.87 -77.25 -33.74
N SER B 66 12.78 -76.38 -33.31
CA SER B 66 13.82 -76.81 -32.37
C SER B 66 13.24 -77.32 -31.07
N PHE B 67 12.03 -76.87 -30.72
CA PHE B 67 11.40 -77.29 -29.48
C PHE B 67 10.30 -78.33 -29.69
N SER B 68 9.59 -78.27 -30.81
CA SER B 68 8.39 -79.08 -31.02
C SER B 68 8.54 -80.16 -32.06
N LYS B 69 9.59 -80.09 -32.90
CA LYS B 69 9.77 -80.91 -34.10
C LYS B 69 8.72 -80.63 -35.16
N ILE B 70 7.90 -79.58 -35.02
CA ILE B 70 6.97 -79.19 -36.07
C ILE B 70 7.17 -77.71 -36.40
N GLU B 71 6.87 -77.35 -37.65
CA GLU B 71 7.07 -75.99 -38.16
C GLU B 71 5.75 -75.26 -38.36
N THR B 72 4.65 -75.81 -37.86
CA THR B 72 3.32 -75.33 -38.15
C THR B 72 2.77 -74.55 -36.95
N VAL B 73 1.56 -74.02 -37.13
CA VAL B 73 0.88 -73.18 -36.14
C VAL B 73 -0.57 -73.64 -36.06
N PRO B 74 -1.18 -73.76 -34.86
CA PRO B 74 -0.74 -73.32 -33.53
C PRO B 74 0.23 -74.24 -32.80
N GLN B 75 1.02 -73.68 -31.88
CA GLN B 75 1.82 -74.46 -30.94
C GLN B 75 1.65 -73.85 -29.56
N MET B 76 1.28 -74.69 -28.59
CA MET B 76 1.08 -74.29 -27.20
C MET B 76 2.21 -74.80 -26.32
N PHE B 77 2.73 -73.93 -25.45
CA PHE B 77 3.77 -74.29 -24.48
C PHE B 77 3.31 -73.95 -23.06
N VAL B 78 3.81 -74.72 -22.09
CA VAL B 78 3.58 -74.47 -20.67
C VAL B 78 4.92 -74.59 -19.96
N ARG B 79 5.35 -73.48 -19.36
CA ARG B 79 6.55 -73.45 -18.50
C ARG B 79 7.74 -74.14 -19.17
N GLY B 80 7.92 -73.86 -20.47
CA GLY B 80 9.07 -74.33 -21.22
C GLY B 80 8.91 -75.65 -21.93
N LYS B 81 7.73 -76.28 -21.83
CA LYS B 81 7.45 -77.59 -22.40
C LYS B 81 6.46 -77.44 -23.54
N PHE B 82 6.73 -78.11 -24.67
CA PHE B 82 5.75 -78.15 -25.75
C PHE B 82 4.61 -79.10 -25.37
N ILE B 83 3.38 -78.64 -25.56
CA ILE B 83 2.19 -79.37 -25.13
C ILE B 83 1.46 -80.00 -26.31
N GLY B 84 1.39 -79.32 -27.45
CA GLY B 84 0.82 -79.94 -28.62
C GLY B 84 0.28 -78.94 -29.62
N ASP B 85 -0.25 -79.49 -30.72
CA ASP B 85 -0.94 -78.72 -31.75
C ASP B 85 -2.45 -78.77 -31.48
N SER B 86 -3.24 -78.37 -32.48
CA SER B 86 -4.69 -78.28 -32.29
C SER B 86 -5.30 -79.63 -31.87
N GLN B 87 -5.02 -80.69 -32.64
CA GLN B 87 -5.57 -82.01 -32.30
C GLN B 87 -5.19 -82.42 -30.87
N THR B 88 -3.92 -82.25 -30.50
CA THR B 88 -3.45 -82.74 -29.19
C THR B 88 -4.08 -81.95 -28.05
N VAL B 89 -4.17 -80.62 -28.19
CA VAL B 89 -4.77 -79.81 -27.14
C VAL B 89 -6.23 -80.20 -26.95
N LEU B 90 -6.96 -80.38 -28.06
CA LEU B 90 -8.36 -80.81 -27.97
C LEU B 90 -8.48 -82.19 -27.33
N LYS B 91 -7.50 -83.07 -27.58
CA LYS B 91 -7.49 -84.39 -26.93
C LYS B 91 -7.42 -84.25 -25.41
N TYR B 92 -6.50 -83.43 -24.91
CA TYR B 92 -6.41 -83.22 -23.47
C TYR B 92 -7.69 -82.60 -22.91
N TYR B 93 -8.28 -81.67 -23.65
CA TYR B 93 -9.52 -81.03 -23.20
C TYR B 93 -10.67 -82.03 -23.14
N SER B 94 -10.76 -82.92 -24.14
CA SER B 94 -11.85 -83.89 -24.18
C SER B 94 -11.73 -84.92 -23.08
N ASN B 95 -10.50 -85.30 -22.71
CA ASN B 95 -10.26 -86.30 -21.66
C ASN B 95 -10.12 -85.67 -20.28
N ASP B 96 -10.42 -84.38 -20.12
CA ASP B 96 -10.31 -83.69 -18.83
C ASP B 96 -8.88 -83.76 -18.28
N GLU B 97 -7.89 -83.70 -19.17
CA GLU B 97 -6.49 -83.70 -18.76
C GLU B 97 -5.84 -82.33 -18.82
N LEU B 98 -6.50 -81.35 -19.48
CA LEU B 98 -5.88 -80.05 -19.74
C LEU B 98 -5.57 -79.30 -18.44
N ALA B 99 -6.53 -79.24 -17.51
CA ALA B 99 -6.35 -78.40 -16.34
C ALA B 99 -5.12 -78.80 -15.53
N GLY B 100 -4.89 -80.10 -15.38
CA GLY B 100 -3.70 -80.55 -14.65
C GLY B 100 -2.41 -80.29 -15.40
N ILE B 101 -2.46 -80.27 -16.73
CA ILE B 101 -1.26 -80.01 -17.51
C ILE B 101 -0.83 -78.55 -17.34
N VAL B 102 -1.78 -77.61 -17.44
CA VAL B 102 -1.44 -76.20 -17.35
C VAL B 102 -1.12 -75.77 -15.92
N ASN B 103 -1.54 -76.53 -14.92
CA ASN B 103 -1.26 -76.16 -13.53
C ASN B 103 0.00 -76.79 -12.96
N GLU B 104 0.65 -77.71 -13.66
CA GLU B 104 1.76 -78.40 -13.02
C GLU B 104 3.05 -77.60 -13.17
N SER B 105 3.75 -77.44 -12.05
CA SER B 105 4.92 -76.58 -11.97
C SER B 105 5.87 -77.10 -10.90
N LYS B 106 7.16 -76.81 -11.08
CA LYS B 106 8.15 -77.12 -10.06
C LYS B 106 8.00 -76.23 -8.84
N TYR B 107 7.34 -75.09 -8.95
CA TYR B 107 7.24 -74.09 -7.89
C TYR B 107 5.79 -73.85 -7.51
N ASP B 108 5.59 -73.31 -6.30
CA ASP B 108 4.25 -72.89 -5.90
C ASP B 108 3.72 -71.81 -6.83
N TYR B 109 4.55 -70.83 -7.16
CA TYR B 109 4.15 -69.68 -7.98
C TYR B 109 5.12 -69.48 -9.14
N ASP B 110 4.58 -68.96 -10.25
CA ASP B 110 5.44 -68.47 -11.32
C ASP B 110 6.18 -67.19 -10.90
N LEU B 111 5.54 -66.37 -10.07
CA LEU B 111 6.06 -65.06 -9.67
C LEU B 111 5.66 -64.79 -8.22
N ILE B 112 6.63 -64.42 -7.40
CA ILE B 112 6.36 -63.84 -6.09
C ILE B 112 6.89 -62.40 -6.10
N VAL B 113 6.00 -61.46 -5.83
CA VAL B 113 6.35 -60.05 -5.63
C VAL B 113 6.42 -59.77 -4.14
N ILE B 114 7.59 -59.36 -3.66
CA ILE B 114 7.75 -58.88 -2.28
C ILE B 114 7.57 -57.36 -2.30
N GLY B 115 6.48 -56.87 -1.72
CA GLY B 115 6.19 -55.45 -1.67
C GLY B 115 4.95 -55.09 -2.46
N GLY B 116 3.93 -54.57 -1.78
CA GLY B 116 2.68 -54.25 -2.45
C GLY B 116 2.46 -52.77 -2.66
N GLY B 117 3.40 -52.10 -3.33
CA GLY B 117 3.29 -50.67 -3.62
C GLY B 117 3.17 -50.36 -5.11
N SER B 118 3.64 -49.17 -5.50
CA SER B 118 3.45 -48.70 -6.88
C SER B 118 4.01 -49.71 -7.89
N GLY B 119 5.27 -50.09 -7.73
CA GLY B 119 5.87 -51.02 -8.70
C GLY B 119 5.34 -52.43 -8.53
N GLY B 120 5.26 -52.89 -7.28
CA GLY B 120 4.91 -54.29 -7.03
C GLY B 120 3.51 -54.64 -7.50
N LEU B 121 2.52 -53.80 -7.19
CA LEU B 121 1.15 -54.09 -7.63
C LEU B 121 1.05 -54.07 -9.15
N ALA B 122 1.74 -53.13 -9.80
CA ALA B 122 1.67 -53.06 -11.25
C ALA B 122 2.29 -54.29 -11.90
N ALA B 123 3.46 -54.72 -11.42
CA ALA B 123 4.10 -55.94 -11.91
C ALA B 123 3.18 -57.14 -11.76
N GLY B 124 2.59 -57.29 -10.57
CA GLY B 124 1.81 -58.50 -10.29
C GLY B 124 0.57 -58.61 -11.14
N LYS B 125 -0.16 -57.50 -11.30
CA LYS B 125 -1.36 -57.53 -12.14
C LYS B 125 -1.02 -57.77 -13.60
N GLU B 126 0.06 -57.16 -14.09
CA GLU B 126 0.43 -57.39 -15.48
C GLU B 126 0.85 -58.83 -15.73
N ALA B 127 1.63 -59.42 -14.82
CA ALA B 127 2.06 -60.82 -15.01
C ALA B 127 0.87 -61.76 -15.07
N ALA B 128 -0.09 -61.61 -14.14
CA ALA B 128 -1.23 -62.51 -14.08
C ALA B 128 -2.08 -62.45 -15.35
N LYS B 129 -2.05 -61.32 -16.07
CA LYS B 129 -2.79 -61.21 -17.33
C LYS B 129 -2.33 -62.21 -18.39
N TYR B 130 -1.10 -62.74 -18.30
CA TYR B 130 -0.59 -63.72 -19.25
C TYR B 130 -0.52 -65.12 -18.65
N GLY B 131 -1.27 -65.38 -17.60
CA GLY B 131 -1.34 -66.71 -17.05
C GLY B 131 -0.26 -67.08 -16.07
N ALA B 132 0.60 -66.14 -15.67
CA ALA B 132 1.53 -66.40 -14.59
C ALA B 132 0.77 -66.50 -13.26
N LYS B 133 1.05 -67.56 -12.50
CA LYS B 133 0.45 -67.75 -11.18
C LYS B 133 1.24 -66.93 -10.18
N THR B 134 0.61 -65.92 -9.60
CA THR B 134 1.30 -64.80 -8.95
C THR B 134 0.85 -64.62 -7.50
N ALA B 135 1.81 -64.32 -6.63
CA ALA B 135 1.52 -63.89 -5.27
C ALA B 135 2.14 -62.52 -5.01
N VAL B 136 1.38 -61.64 -4.35
CA VAL B 136 1.85 -60.33 -3.93
C VAL B 136 1.85 -60.28 -2.40
N LEU B 137 3.02 -60.07 -1.80
CA LEU B 137 3.19 -59.90 -0.36
C LEU B 137 3.30 -58.42 -0.01
N ASP B 138 2.55 -57.97 1.00
CA ASP B 138 2.71 -56.62 1.53
C ASP B 138 2.48 -56.60 3.04
N TYR B 139 3.31 -55.83 3.73
CA TYR B 139 3.25 -55.61 5.18
C TYR B 139 3.80 -54.21 5.48
N VAL B 140 3.14 -53.49 6.38
CA VAL B 140 3.51 -52.12 6.73
C VAL B 140 4.01 -52.13 8.16
N GLU B 141 5.31 -52.03 8.35
CA GLU B 141 5.87 -51.98 9.69
C GLU B 141 5.52 -50.63 10.31
N PRO B 142 4.96 -50.60 11.52
CA PRO B 142 4.48 -49.33 12.08
C PRO B 142 5.61 -48.34 12.34
N THR B 143 5.27 -47.05 12.32
CA THR B 143 6.19 -45.98 12.71
C THR B 143 6.49 -46.08 14.21
N PRO B 144 7.42 -45.26 14.74
CA PRO B 144 7.71 -45.32 16.19
C PRO B 144 6.53 -45.01 17.09
N ILE B 145 5.59 -44.14 16.68
CA ILE B 145 4.40 -43.91 17.49
C ILE B 145 3.26 -44.87 17.16
N GLY B 146 3.47 -45.78 16.20
CA GLY B 146 2.50 -46.82 15.92
C GLY B 146 1.63 -46.64 14.68
N THR B 147 1.91 -45.66 13.83
CA THR B 147 1.09 -45.41 12.65
C THR B 147 1.24 -46.55 11.65
N THR B 148 0.11 -46.99 11.09
CA THR B 148 0.09 -48.04 10.08
C THR B 148 -1.04 -47.71 9.10
N TRP B 149 -1.07 -48.41 7.95
CA TRP B 149 -2.05 -48.14 6.89
C TRP B 149 -2.21 -49.38 5.99
N GLY B 150 -3.04 -49.24 4.95
CA GLY B 150 -3.45 -50.36 4.13
C GLY B 150 -2.62 -50.55 2.87
N LEU B 151 -3.10 -51.43 1.99
CA LEU B 151 -2.39 -51.81 0.78
C LEU B 151 -2.28 -50.66 -0.21
N GLY B 152 -1.15 -50.61 -0.94
CA GLY B 152 -0.98 -49.65 -2.01
C GLY B 152 0.36 -48.93 -2.05
N GLY B 153 1.10 -48.95 -0.93
CA GLY B 153 2.45 -48.39 -0.93
C GLY B 153 2.53 -46.96 -0.42
N THR B 154 3.74 -46.39 -0.58
CA THR B 154 4.05 -45.07 -0.02
C THR B 154 3.25 -43.96 -0.70
N CYS B 155 3.16 -43.98 -2.03
CA CYS B 155 2.45 -42.92 -2.76
C CYS B 155 0.98 -42.85 -2.36
N VAL B 156 0.29 -44.00 -2.38
CA VAL B 156 -1.14 -44.07 -2.13
C VAL B 156 -1.49 -43.61 -0.71
N ASN B 157 -0.72 -44.06 0.29
CA ASN B 157 -1.05 -43.91 1.71
C ASN B 157 -0.36 -42.73 2.39
N VAL B 158 0.93 -42.48 2.11
CA VAL B 158 1.67 -41.47 2.86
C VAL B 158 2.59 -40.67 1.94
N GLY B 159 2.13 -40.40 0.71
CA GLY B 159 2.97 -39.78 -0.30
C GLY B 159 2.21 -38.91 -1.30
N CYS B 160 2.33 -39.21 -2.60
CA CYS B 160 1.85 -38.28 -3.64
C CYS B 160 0.37 -37.93 -3.46
N ILE B 161 -0.46 -38.93 -3.12
CA ILE B 161 -1.91 -38.76 -3.09
C ILE B 161 -2.32 -37.85 -1.92
N PRO B 162 -2.05 -38.19 -0.66
CA PRO B 162 -2.47 -37.27 0.42
C PRO B 162 -1.72 -35.95 0.39
N LYS B 163 -0.46 -35.94 -0.06
CA LYS B 163 0.28 -34.68 -0.12
C LYS B 163 -0.35 -33.71 -1.13
N LYS B 164 -0.76 -34.21 -2.30
CA LYS B 164 -1.38 -33.29 -3.27
C LYS B 164 -2.78 -32.89 -2.87
N LEU B 165 -3.48 -33.73 -2.10
CA LEU B 165 -4.80 -33.33 -1.63
C LEU B 165 -4.72 -32.22 -0.60
N MET B 166 -3.72 -32.27 0.32
CA MET B 166 -3.55 -31.17 1.26
C MET B 166 -3.00 -29.92 0.57
N HIS B 167 -2.16 -30.09 -0.47
CA HIS B 167 -1.74 -28.95 -1.28
C HIS B 167 -2.94 -28.26 -1.94
N GLN B 168 -3.91 -29.04 -2.43
CA GLN B 168 -5.12 -28.44 -3.01
C GLN B 168 -5.91 -27.66 -1.96
N ALA B 169 -5.99 -28.19 -0.74
CA ALA B 169 -6.67 -27.47 0.33
C ALA B 169 -5.98 -26.14 0.60
N GLY B 170 -4.65 -26.12 0.48
CA GLY B 170 -3.92 -24.87 0.65
C GLY B 170 -4.13 -23.89 -0.50
N LEU B 171 -4.13 -24.40 -1.74
CA LEU B 171 -4.42 -23.56 -2.89
C LEU B 171 -5.79 -22.89 -2.79
N LEU B 172 -6.77 -23.57 -2.18
CA LEU B 172 -8.10 -22.98 -2.11
C LEU B 172 -8.15 -21.75 -1.21
N SER B 173 -7.20 -21.58 -0.28
CA SER B 173 -7.17 -20.34 0.48
C SER B 173 -6.96 -19.13 -0.43
N HIS B 174 -6.13 -19.28 -1.47
CA HIS B 174 -5.95 -18.18 -2.41
C HIS B 174 -7.14 -18.03 -3.36
N ALA B 175 -7.81 -19.14 -3.68
CA ALA B 175 -9.05 -19.03 -4.44
C ALA B 175 -10.09 -18.20 -3.66
N LEU B 176 -10.18 -18.40 -2.35
CA LEU B 176 -11.12 -17.63 -1.53
C LEU B 176 -10.78 -16.14 -1.54
N GLU B 177 -9.49 -15.81 -1.36
CA GLU B 177 -9.08 -14.40 -1.48
C GLU B 177 -9.39 -13.85 -2.86
N ASP B 178 -9.00 -14.58 -3.93
CA ASP B 178 -9.22 -14.09 -5.30
C ASP B 178 -10.68 -13.83 -5.62
N ALA B 179 -11.60 -14.62 -5.05
CA ALA B 179 -13.00 -14.58 -5.47
C ALA B 179 -13.64 -13.21 -5.18
N GLU B 180 -13.19 -12.53 -4.13
CA GLU B 180 -13.67 -11.19 -3.83
C GLU B 180 -13.44 -10.23 -4.98
N HIS B 181 -12.23 -10.28 -5.56
CA HIS B 181 -11.88 -9.38 -6.65
C HIS B 181 -12.65 -9.68 -7.92
N PHE B 182 -13.07 -10.94 -8.11
CA PHE B 182 -13.84 -11.31 -9.28
C PHE B 182 -15.34 -11.10 -9.07
N GLY B 183 -15.74 -10.52 -7.93
CA GLY B 183 -17.12 -10.10 -7.71
C GLY B 183 -17.92 -10.93 -6.73
N TRP B 184 -17.34 -11.95 -6.09
CA TRP B 184 -18.09 -12.73 -5.10
C TRP B 184 -18.06 -12.07 -3.73
N SER B 185 -19.15 -12.24 -2.97
CA SER B 185 -19.46 -11.45 -1.79
C SER B 185 -18.93 -12.02 -0.49
N LEU B 186 -18.09 -13.03 -0.51
CA LEU B 186 -17.55 -13.55 0.73
C LEU B 186 -16.48 -12.62 1.30
N ASP B 187 -16.15 -12.82 2.58
CA ASP B 187 -15.02 -12.15 3.22
C ASP B 187 -14.04 -13.18 3.76
N ARG B 188 -12.92 -13.36 3.04
CA ARG B 188 -11.83 -14.26 3.46
C ARG B 188 -11.41 -14.05 4.90
N SER B 189 -11.52 -12.81 5.40
CA SER B 189 -11.06 -12.50 6.75
C SER B 189 -11.81 -13.31 7.82
N LYS B 190 -13.09 -13.60 7.62
CA LYS B 190 -13.86 -14.33 8.63
C LYS B 190 -14.04 -15.81 8.30
N ILE B 191 -13.04 -16.46 7.72
CA ILE B 191 -13.14 -17.86 7.34
C ILE B 191 -11.93 -18.59 7.93
N SER B 192 -12.17 -19.78 8.49
CA SER B 192 -11.14 -20.59 9.14
C SER B 192 -11.08 -21.98 8.50
N HIS B 193 -10.04 -22.73 8.85
CA HIS B 193 -9.85 -24.09 8.34
C HIS B 193 -9.87 -25.12 9.47
N ASN B 194 -10.49 -26.26 9.20
CA ASN B 194 -10.61 -27.37 10.17
C ASN B 194 -9.76 -28.53 9.67
N TRP B 195 -8.64 -28.76 10.35
CA TRP B 195 -7.68 -29.82 9.99
C TRP B 195 -8.34 -31.21 10.01
N SER B 196 -9.10 -31.51 11.05
CA SER B 196 -9.64 -32.87 11.18
C SER B 196 -10.69 -33.17 10.12
N THR B 197 -11.47 -32.17 9.69
CA THR B 197 -12.41 -32.40 8.59
C THR B 197 -11.68 -32.76 7.29
N MET B 198 -10.58 -32.05 7.03
CA MET B 198 -9.75 -32.36 5.87
C MET B 198 -9.18 -33.78 5.95
N VAL B 199 -8.53 -34.11 7.08
CA VAL B 199 -7.93 -35.43 7.22
C VAL B 199 -8.97 -36.53 7.02
N GLU B 200 -10.19 -36.31 7.51
CA GLU B 200 -11.26 -37.30 7.33
C GLU B 200 -11.56 -37.54 5.85
N GLY B 201 -11.69 -36.47 5.06
CA GLY B 201 -11.99 -36.65 3.65
C GLY B 201 -10.84 -37.28 2.88
N VAL B 202 -9.61 -36.88 3.18
CA VAL B 202 -8.44 -37.47 2.54
C VAL B 202 -8.33 -38.96 2.87
N GLN B 203 -8.47 -39.30 4.15
CA GLN B 203 -8.39 -40.71 4.56
C GLN B 203 -9.51 -41.55 3.97
N SER B 204 -10.69 -40.98 3.74
CA SER B 204 -11.77 -41.76 3.12
C SER B 204 -11.41 -42.11 1.68
N HIS B 205 -10.76 -41.20 0.95
CA HIS B 205 -10.31 -41.51 -0.41
C HIS B 205 -9.21 -42.56 -0.41
N ILE B 206 -8.23 -42.44 0.49
CA ILE B 206 -7.18 -43.45 0.59
C ILE B 206 -7.79 -44.83 0.86
N GLY B 207 -8.80 -44.89 1.73
CA GLY B 207 -9.44 -46.17 2.01
C GLY B 207 -10.16 -46.75 0.80
N SER B 208 -10.71 -45.90 -0.06
CA SER B 208 -11.27 -46.42 -1.30
C SER B 208 -10.17 -46.98 -2.21
N LEU B 209 -8.95 -46.45 -2.11
CA LEU B 209 -7.86 -47.01 -2.89
C LEU B 209 -7.34 -48.32 -2.29
N ASN B 210 -7.20 -48.41 -0.97
CA ASN B 210 -6.83 -49.70 -0.36
C ASN B 210 -7.77 -50.81 -0.82
N TRP B 211 -9.08 -50.55 -0.76
CA TRP B 211 -10.06 -51.55 -1.13
C TRP B 211 -10.01 -51.85 -2.63
N GLY B 212 -9.89 -50.81 -3.45
CA GLY B 212 -9.76 -51.00 -4.89
C GLY B 212 -8.63 -51.91 -5.32
N TYR B 213 -7.47 -51.81 -4.63
CA TYR B 213 -6.36 -52.70 -4.94
C TYR B 213 -6.64 -54.15 -4.52
N LYS B 214 -7.32 -54.35 -3.39
CA LYS B 214 -7.69 -55.71 -3.00
C LYS B 214 -8.69 -56.32 -3.97
N VAL B 215 -9.64 -55.52 -4.49
CA VAL B 215 -10.56 -56.04 -5.48
C VAL B 215 -9.82 -56.36 -6.78
N ALA B 216 -8.92 -55.47 -7.20
CA ALA B 216 -8.19 -55.69 -8.44
C ALA B 216 -7.38 -56.99 -8.39
N LEU B 217 -6.68 -57.24 -7.27
CA LEU B 217 -5.90 -58.46 -7.16
C LEU B 217 -6.79 -59.69 -7.23
N ARG B 218 -7.93 -59.67 -6.51
CA ARG B 218 -8.87 -60.78 -6.57
C ARG B 218 -9.36 -61.04 -8.00
N ASP B 219 -9.79 -59.98 -8.69
CA ASP B 219 -10.32 -60.14 -10.05
C ASP B 219 -9.26 -60.51 -11.09
N ASN B 220 -7.98 -60.52 -10.73
CA ASN B 220 -6.91 -61.00 -11.61
C ASN B 220 -6.37 -62.37 -11.16
N GLN B 221 -7.00 -63.00 -10.16
CA GLN B 221 -6.59 -64.29 -9.63
C GLN B 221 -5.19 -64.25 -9.02
N VAL B 222 -4.83 -63.12 -8.41
CA VAL B 222 -3.56 -62.94 -7.72
C VAL B 222 -3.76 -63.24 -6.24
N THR B 223 -2.89 -64.06 -5.67
CA THR B 223 -2.92 -64.32 -4.24
C THR B 223 -2.28 -63.17 -3.48
N TYR B 224 -3.06 -62.52 -2.62
CA TYR B 224 -2.56 -61.44 -1.76
C TYR B 224 -2.35 -61.97 -0.35
N LEU B 225 -1.11 -61.89 0.15
CA LEU B 225 -0.77 -62.20 1.53
C LEU B 225 -0.32 -60.93 2.25
N ASN B 226 -1.06 -60.54 3.29
CA ASN B 226 -0.63 -59.45 4.19
C ASN B 226 0.39 -60.02 5.18
N ALA B 227 1.59 -60.26 4.67
CA ALA B 227 2.63 -60.96 5.43
C ALA B 227 4.00 -60.41 5.08
N LYS B 228 4.91 -60.46 6.05
CA LYS B 228 6.28 -60.03 5.83
C LYS B 228 7.05 -61.11 5.10
N GLY B 229 7.75 -60.74 4.02
CA GLY B 229 8.48 -61.67 3.20
C GLY B 229 9.99 -61.50 3.31
N ARG B 230 10.72 -62.61 3.19
CA ARG B 230 12.18 -62.60 3.32
C ARG B 230 12.73 -63.63 2.36
N LEU B 231 13.61 -63.20 1.45
CA LEU B 231 14.21 -64.11 0.48
C LEU B 231 15.41 -64.82 1.13
N ILE B 232 15.34 -66.15 1.21
CA ILE B 232 16.35 -66.94 1.91
C ILE B 232 17.17 -67.83 0.96
N SER B 233 16.67 -68.14 -0.24
CA SER B 233 17.47 -68.71 -1.31
C SER B 233 16.88 -68.18 -2.61
N PRO B 234 17.53 -68.44 -3.76
CA PRO B 234 17.01 -67.88 -5.03
C PRO B 234 15.53 -68.11 -5.29
N HIS B 235 14.96 -69.21 -4.82
CA HIS B 235 13.58 -69.55 -5.13
C HIS B 235 12.67 -69.66 -3.90
N GLU B 236 13.19 -69.45 -2.70
CA GLU B 236 12.43 -69.66 -1.47
C GLU B 236 12.17 -68.35 -0.76
N VAL B 237 10.89 -68.08 -0.46
CA VAL B 237 10.50 -66.88 0.29
C VAL B 237 9.89 -67.33 1.60
N GLN B 238 10.50 -66.93 2.71
CA GLN B 238 9.95 -67.18 4.04
C GLN B 238 8.98 -66.06 4.40
N ILE B 239 7.77 -66.43 4.86
CA ILE B 239 6.74 -65.46 5.18
C ILE B 239 6.39 -65.57 6.66
N THR B 240 6.06 -64.42 7.25
CA THR B 240 5.60 -64.32 8.63
C THR B 240 4.27 -63.57 8.63
N ASP B 241 3.23 -64.16 9.22
CA ASP B 241 1.90 -63.57 9.16
C ASP B 241 1.57 -62.81 10.45
N LYS B 242 0.32 -62.36 10.58
CA LYS B 242 -0.11 -61.52 11.70
C LYS B 242 -0.15 -62.25 13.04
N ASN B 243 0.00 -63.59 13.05
CA ASN B 243 0.08 -64.37 14.28
C ASN B 243 1.49 -64.86 14.57
N GLN B 244 2.48 -64.39 13.82
CA GLN B 244 3.86 -64.85 13.87
C GLN B 244 4.01 -66.29 13.41
N LYS B 245 3.07 -66.80 12.62
CA LYS B 245 3.23 -68.13 12.03
C LYS B 245 4.18 -68.01 10.83
N VAL B 246 5.25 -68.82 10.83
CA VAL B 246 6.30 -68.75 9.83
C VAL B 246 6.18 -69.95 8.90
N SER B 247 6.37 -69.72 7.60
CA SER B 247 6.32 -70.78 6.61
C SER B 247 7.12 -70.35 5.38
N THR B 248 7.18 -71.24 4.38
CA THR B 248 7.98 -71.04 3.18
C THR B 248 7.14 -71.32 1.94
N ILE B 249 7.19 -70.41 0.97
CA ILE B 249 6.62 -70.63 -0.36
C ILE B 249 7.74 -70.48 -1.37
N THR B 250 7.55 -71.06 -2.55
CA THR B 250 8.57 -71.08 -3.58
C THR B 250 8.03 -70.48 -4.88
N GLY B 251 8.95 -69.93 -5.67
CA GLY B 251 8.56 -69.25 -6.89
C GLY B 251 9.66 -69.31 -7.91
N ASN B 252 9.26 -69.28 -9.19
CA ASN B 252 10.23 -69.29 -10.28
C ASN B 252 10.95 -67.95 -10.39
N LYS B 253 10.20 -66.89 -10.70
CA LYS B 253 10.75 -65.53 -10.74
C LYS B 253 10.38 -64.78 -9.46
N ILE B 254 11.29 -63.89 -9.02
CA ILE B 254 11.09 -63.07 -7.83
C ILE B 254 11.30 -61.61 -8.20
N ILE B 255 10.38 -60.74 -7.78
CA ILE B 255 10.53 -59.29 -7.94
C ILE B 255 10.57 -58.67 -6.56
N LEU B 256 11.69 -58.01 -6.24
CA LEU B 256 11.81 -57.24 -5.00
C LEU B 256 11.33 -55.82 -5.24
N ALA B 257 10.38 -55.36 -4.42
CA ALA B 257 9.76 -54.05 -4.62
C ALA B 257 9.30 -53.47 -3.28
N THR B 258 10.21 -53.43 -2.31
CA THR B 258 9.86 -53.10 -0.92
C THR B 258 10.03 -51.64 -0.55
N GLY B 259 10.58 -50.79 -1.44
CA GLY B 259 10.57 -49.36 -1.19
C GLY B 259 11.49 -48.91 -0.05
N GLU B 260 11.19 -47.73 0.49
CA GLU B 260 12.02 -47.08 1.51
C GLU B 260 11.12 -46.54 2.62
N ARG B 261 11.73 -46.09 3.71
CA ARG B 261 11.05 -45.41 4.80
C ARG B 261 11.88 -44.22 5.25
N PRO B 262 11.27 -43.27 5.98
CA PRO B 262 12.00 -42.04 6.36
C PRO B 262 13.15 -42.29 7.34
N LYS B 263 14.21 -41.49 7.20
CA LYS B 263 15.30 -41.48 8.17
C LYS B 263 15.02 -40.49 9.32
N TYR B 264 15.66 -40.76 10.47
CA TYR B 264 15.76 -39.84 11.60
C TYR B 264 17.22 -39.47 11.85
N PRO B 265 17.51 -38.24 12.28
CA PRO B 265 18.88 -37.90 12.64
C PRO B 265 19.25 -38.51 13.98
N GLU B 266 20.55 -38.77 14.17
CA GLU B 266 21.08 -39.44 15.37
C GLU B 266 21.29 -38.43 16.50
N ILE B 267 20.19 -37.98 17.10
CA ILE B 267 20.24 -36.99 18.18
C ILE B 267 19.21 -37.34 19.24
N PRO B 268 19.44 -36.89 20.48
CA PRO B 268 18.47 -37.16 21.55
C PRO B 268 17.11 -36.59 21.23
N GLY B 269 16.07 -37.38 21.53
CA GLY B 269 14.69 -36.95 21.44
C GLY B 269 14.02 -37.09 20.08
N ALA B 270 14.78 -37.39 19.03
CA ALA B 270 14.21 -37.33 17.68
C ALA B 270 13.13 -38.39 17.47
N VAL B 271 13.46 -39.66 17.75
CA VAL B 271 12.51 -40.75 17.56
C VAL B 271 11.37 -40.66 18.56
N GLU B 272 11.68 -40.21 19.78
CA GLU B 272 10.68 -40.16 20.84
C GLU B 272 9.64 -39.08 20.61
N TYR B 273 10.07 -37.89 20.16
CA TYR B 273 9.20 -36.74 20.21
C TYR B 273 8.90 -36.10 18.85
N GLY B 274 9.68 -36.38 17.80
CA GLY B 274 9.36 -35.91 16.46
C GLY B 274 8.43 -36.84 15.71
N ILE B 275 8.02 -36.40 14.50
CA ILE B 275 7.27 -37.24 13.57
C ILE B 275 7.89 -37.10 12.18
N THR B 276 7.41 -37.92 11.23
CA THR B 276 7.78 -37.80 9.83
C THR B 276 6.53 -37.68 8.97
N SER B 277 6.73 -37.59 7.65
CA SER B 277 5.63 -37.61 6.70
C SER B 277 4.76 -38.87 6.86
N ASP B 278 5.36 -39.99 7.27
CA ASP B 278 4.57 -41.21 7.53
C ASP B 278 3.43 -40.96 8.52
N ASP B 279 3.63 -40.07 9.49
CA ASP B 279 2.61 -39.80 10.49
C ASP B 279 1.72 -38.61 10.14
N LEU B 280 2.20 -37.70 9.27
CA LEU B 280 1.56 -36.41 9.11
C LEU B 280 0.18 -36.55 8.47
N PHE B 281 0.04 -37.44 7.49
CA PHE B 281 -1.15 -37.47 6.67
C PHE B 281 -2.35 -38.11 7.33
N SER B 282 -2.19 -38.74 8.51
CA SER B 282 -3.35 -39.19 9.28
C SER B 282 -3.39 -38.59 10.69
N LEU B 283 -2.60 -37.54 10.96
CA LEU B 283 -2.47 -37.00 12.31
C LEU B 283 -3.82 -36.55 12.85
N PRO B 284 -4.24 -37.00 14.02
CA PRO B 284 -5.60 -36.67 14.49
C PRO B 284 -5.76 -35.23 14.98
N TYR B 285 -4.70 -34.45 15.16
CA TYR B 285 -4.77 -33.08 15.65
C TYR B 285 -3.99 -32.15 14.72
N PHE B 286 -4.39 -30.87 14.66
CA PHE B 286 -3.62 -29.92 13.87
C PHE B 286 -2.23 -29.78 14.46
N PRO B 287 -1.17 -29.77 13.62
CA PRO B 287 0.19 -29.72 14.16
C PRO B 287 0.50 -28.46 14.97
N GLY B 288 -0.18 -27.34 14.71
CA GLY B 288 0.14 -26.10 15.42
C GLY B 288 1.45 -25.51 14.92
N LYS B 289 2.07 -24.69 15.78
CA LYS B 289 3.39 -24.16 15.45
C LYS B 289 4.36 -25.31 15.18
N THR B 290 4.89 -25.33 13.95
CA THR B 290 5.61 -26.50 13.44
C THR B 290 7.02 -26.13 13.00
N LEU B 291 7.97 -26.99 13.35
CA LEU B 291 9.32 -26.93 12.80
C LEU B 291 9.51 -28.09 11.83
N VAL B 292 9.91 -27.78 10.59
CA VAL B 292 10.27 -28.78 9.59
C VAL B 292 11.76 -28.75 9.43
N ILE B 293 12.41 -29.90 9.66
CA ILE B 293 13.85 -30.04 9.60
C ILE B 293 14.18 -30.79 8.31
N GLY B 294 14.91 -30.13 7.41
CA GLY B 294 15.19 -30.66 6.09
C GLY B 294 14.85 -29.66 5.00
N ALA B 295 15.31 -29.97 3.78
CA ALA B 295 15.11 -29.04 2.67
C ALA B 295 14.89 -29.75 1.33
N SER B 296 14.53 -31.03 1.36
CA SER B 296 14.11 -31.82 0.21
C SER B 296 12.74 -31.33 -0.30
N TYR B 297 12.28 -31.95 -1.40
CA TYR B 297 10.96 -31.58 -1.88
C TYR B 297 9.87 -31.96 -0.88
N VAL B 298 10.07 -33.05 -0.12
CA VAL B 298 9.11 -33.41 0.93
C VAL B 298 9.01 -32.31 1.98
N ALA B 299 10.16 -31.88 2.51
CA ALA B 299 10.20 -30.81 3.51
C ALA B 299 9.43 -29.59 3.03
N LEU B 300 9.74 -29.10 1.81
CA LEU B 300 9.16 -27.85 1.35
C LEU B 300 7.68 -27.98 1.01
N GLU B 301 7.28 -29.11 0.42
CA GLU B 301 5.87 -29.30 0.10
C GLU B 301 5.01 -29.28 1.37
N CYS B 302 5.48 -29.95 2.43
CA CYS B 302 4.72 -30.00 3.67
C CYS B 302 4.67 -28.64 4.36
N ALA B 303 5.83 -27.97 4.47
CA ALA B 303 5.85 -26.65 5.08
C ALA B 303 4.94 -25.68 4.33
N GLY B 304 4.88 -25.83 3.00
CA GLY B 304 4.06 -24.95 2.18
C GLY B 304 2.57 -25.06 2.45
N PHE B 305 2.02 -26.28 2.46
CA PHE B 305 0.57 -26.34 2.69
C PHE B 305 0.20 -26.06 4.15
N LEU B 306 1.08 -26.39 5.10
CA LEU B 306 0.80 -26.05 6.51
C LEU B 306 0.69 -24.53 6.69
N ALA B 307 1.56 -23.77 6.02
CA ALA B 307 1.47 -22.32 6.11
C ALA B 307 0.19 -21.81 5.45
N SER B 308 -0.20 -22.41 4.34
CA SER B 308 -1.41 -21.96 3.65
C SER B 308 -2.67 -22.26 4.45
N LEU B 309 -2.65 -23.31 5.27
CA LEU B 309 -3.80 -23.65 6.10
C LEU B 309 -3.85 -22.84 7.40
N GLY B 310 -2.94 -21.86 7.55
CA GLY B 310 -2.95 -21.00 8.71
C GLY B 310 -1.99 -21.37 9.83
N GLY B 311 -1.00 -22.22 9.56
CA GLY B 311 -0.03 -22.58 10.58
C GLY B 311 1.17 -21.63 10.64
N ASP B 312 1.87 -21.71 11.78
CA ASP B 312 3.10 -20.95 12.03
C ASP B 312 4.27 -21.92 11.79
N VAL B 313 4.96 -21.74 10.67
CA VAL B 313 5.83 -22.79 10.12
C VAL B 313 7.25 -22.25 9.95
N THR B 314 8.25 -23.04 10.37
CA THR B 314 9.66 -22.77 10.18
C THR B 314 10.35 -23.98 9.57
N VAL B 315 11.26 -23.73 8.63
CA VAL B 315 12.08 -24.76 8.01
C VAL B 315 13.53 -24.50 8.39
N MET B 316 14.21 -25.53 8.91
CA MET B 316 15.64 -25.45 9.26
C MET B 316 16.47 -26.11 8.17
N VAL B 317 17.29 -25.31 7.50
CA VAL B 317 18.05 -25.71 6.31
C VAL B 317 19.52 -25.88 6.69
N ARG B 318 20.05 -27.09 6.47
CA ARG B 318 21.46 -27.37 6.78
C ARG B 318 22.41 -26.63 5.83
N SER B 319 22.17 -26.70 4.52
CA SER B 319 23.01 -26.00 3.54
C SER B 319 22.19 -25.28 2.46
N ILE B 320 21.63 -26.02 1.50
CA ILE B 320 20.87 -25.44 0.39
C ILE B 320 19.49 -26.09 0.27
N LEU B 321 18.59 -25.39 -0.44
CA LEU B 321 17.27 -25.93 -0.79
C LEU B 321 17.33 -26.83 -2.02
N LEU B 322 16.61 -27.97 -1.97
CA LEU B 322 16.42 -28.83 -3.14
C LEU B 322 17.74 -29.24 -3.79
N ARG B 323 18.66 -29.76 -2.99
CA ARG B 323 19.93 -30.28 -3.51
C ARG B 323 19.66 -31.26 -4.65
N GLY B 324 20.38 -31.08 -5.75
CA GLY B 324 20.19 -31.89 -6.95
C GLY B 324 19.33 -31.25 -8.03
N PHE B 325 18.50 -30.27 -7.69
CA PHE B 325 17.71 -29.52 -8.67
C PHE B 325 18.43 -28.23 -9.04
N ASP B 326 18.03 -27.65 -10.18
CA ASP B 326 18.52 -26.33 -10.61
C ASP B 326 18.46 -25.29 -9.48
N GLN B 327 19.63 -24.73 -9.13
CA GLN B 327 19.66 -23.91 -7.91
C GLN B 327 19.08 -22.51 -8.11
N GLN B 328 19.11 -21.94 -9.32
CA GLN B 328 18.37 -20.71 -9.54
C GLN B 328 16.88 -20.93 -9.26
N MET B 329 16.33 -21.99 -9.85
CA MET B 329 14.92 -22.35 -9.66
C MET B 329 14.61 -22.60 -8.17
N ALA B 330 15.50 -23.33 -7.47
CA ALA B 330 15.24 -23.62 -6.06
C ALA B 330 15.15 -22.33 -5.24
N GLU B 331 16.01 -21.35 -5.55
CA GLU B 331 16.00 -20.08 -4.82
C GLU B 331 14.71 -19.30 -5.05
N LYS B 332 14.19 -19.30 -6.29
CA LYS B 332 12.91 -18.64 -6.55
C LYS B 332 11.76 -19.33 -5.79
N VAL B 333 11.77 -20.67 -5.73
CA VAL B 333 10.78 -21.39 -4.95
C VAL B 333 10.81 -20.95 -3.49
N GLY B 334 12.01 -20.97 -2.88
CA GLY B 334 12.13 -20.58 -1.48
C GLY B 334 11.81 -19.12 -1.22
N ASP B 335 12.17 -18.22 -2.15
CA ASP B 335 11.81 -16.81 -1.97
C ASP B 335 10.30 -16.61 -1.98
N TYR B 336 9.58 -17.33 -2.84
CA TYR B 336 8.12 -17.19 -2.85
C TYR B 336 7.54 -17.64 -1.51
N MET B 337 7.98 -18.78 -0.98
CA MET B 337 7.46 -19.24 0.31
C MET B 337 7.79 -18.28 1.45
N GLU B 338 9.00 -17.70 1.45
CA GLU B 338 9.32 -16.73 2.50
C GLU B 338 8.44 -15.50 2.45
N ASN B 339 8.07 -15.06 1.25
CA ASN B 339 7.19 -13.90 1.12
C ASN B 339 5.75 -14.21 1.47
N HIS B 340 5.35 -15.48 1.41
CA HIS B 340 4.00 -15.88 1.75
C HIS B 340 3.92 -16.67 3.05
N GLY B 341 4.82 -16.40 3.99
CA GLY B 341 4.59 -16.75 5.37
C GLY B 341 5.51 -17.80 5.97
N VAL B 342 6.27 -18.55 5.18
CA VAL B 342 7.15 -19.56 5.74
C VAL B 342 8.42 -18.89 6.23
N LYS B 343 8.87 -19.24 7.43
CA LYS B 343 10.14 -18.74 7.98
C LYS B 343 11.26 -19.76 7.77
N PHE B 344 12.48 -19.27 7.53
CA PHE B 344 13.61 -20.14 7.25
C PHE B 344 14.74 -19.88 8.24
N ALA B 345 15.31 -20.95 8.79
CA ALA B 345 16.51 -20.90 9.64
C ALA B 345 17.68 -21.48 8.85
N LYS B 346 18.48 -20.61 8.24
CA LYS B 346 19.43 -21.01 7.21
C LYS B 346 20.77 -21.41 7.81
N LEU B 347 21.41 -22.42 7.21
CA LEU B 347 22.73 -22.90 7.62
C LEU B 347 22.73 -23.34 9.10
N CYS B 348 21.81 -24.26 9.42
CA CYS B 348 21.46 -24.60 10.80
C CYS B 348 21.12 -26.08 10.90
N VAL B 349 21.58 -26.73 11.96
CA VAL B 349 21.25 -28.15 12.20
C VAL B 349 20.76 -28.30 13.64
N PRO B 350 19.96 -29.33 13.92
CA PRO B 350 19.47 -29.55 15.29
C PRO B 350 20.40 -30.40 16.15
N ASP B 351 20.43 -30.08 17.44
CA ASP B 351 21.16 -30.89 18.43
C ASP B 351 20.16 -31.60 19.37
N ILE B 353 16.13 -32.45 20.83
CA ILE B 353 14.71 -32.26 21.10
C ILE B 353 14.34 -32.58 22.54
N LYS B 354 13.70 -31.64 23.23
CA LYS B 354 13.30 -31.79 24.63
C LYS B 354 11.78 -31.74 24.73
N GLN B 355 11.21 -32.65 25.53
CA GLN B 355 9.77 -32.67 25.74
C GLN B 355 9.36 -31.73 26.87
N LEU B 356 8.40 -30.86 26.58
CA LEU B 356 7.79 -29.97 27.57
C LEU B 356 6.36 -30.34 27.92
N LYS B 357 5.58 -30.84 26.95
CA LYS B 357 4.22 -31.32 27.15
C LYS B 357 4.02 -32.57 26.32
N VAL B 358 3.37 -33.58 26.92
CA VAL B 358 3.04 -34.83 26.24
C VAL B 358 1.82 -34.59 25.37
N VAL B 359 1.76 -35.26 24.21
CA VAL B 359 0.60 -35.16 23.32
C VAL B 359 -0.67 -35.51 24.07
N ASP B 360 -1.66 -34.61 23.99
CA ASP B 360 -2.96 -34.76 24.66
C ASP B 360 -3.85 -35.61 23.77
N THR B 361 -3.74 -36.92 23.92
CA THR B 361 -4.48 -37.86 23.11
C THR B 361 -5.99 -37.83 23.41
N GLU B 362 -6.39 -37.21 24.52
CA GLU B 362 -7.80 -37.14 24.90
C GLU B 362 -8.54 -36.08 24.09
N ASN B 363 -8.19 -34.82 24.33
CA ASN B 363 -8.86 -33.67 23.72
C ASN B 363 -8.25 -33.28 22.38
N ASN B 364 -7.41 -34.15 21.82
CA ASN B 364 -7.00 -34.02 20.42
C ASN B 364 -6.16 -32.77 20.19
N LYS B 365 -5.05 -32.66 20.92
CA LYS B 365 -4.20 -31.47 20.93
C LYS B 365 -2.75 -31.93 20.91
N PRO B 366 -1.86 -31.16 20.29
CA PRO B 366 -0.44 -31.51 20.31
C PRO B 366 0.17 -31.31 21.69
N GLY B 367 1.42 -31.73 21.82
CA GLY B 367 2.23 -31.42 22.98
C GLY B 367 3.03 -30.15 22.77
N LEU B 368 4.24 -30.12 23.36
CA LEU B 368 5.10 -28.96 23.24
C LEU B 368 6.55 -29.39 23.45
N LEU B 369 7.45 -28.85 22.62
CA LEU B 369 8.81 -29.33 22.51
C LEU B 369 9.77 -28.16 22.52
N LEU B 370 10.99 -28.40 23.00
CA LEU B 370 12.08 -27.43 22.91
C LEU B 370 13.15 -27.96 21.96
N VAL B 371 13.50 -27.16 20.94
CA VAL B 371 14.51 -27.55 19.96
C VAL B 371 15.75 -26.70 20.20
N LYS B 372 16.90 -27.37 20.32
CA LYS B 372 18.18 -26.70 20.49
C LYS B 372 19.11 -27.11 19.34
N GLY B 373 19.82 -26.14 18.77
CA GLY B 373 20.67 -26.39 17.62
C GLY B 373 21.68 -25.28 17.48
N HIS B 374 22.48 -25.36 16.41
CA HIS B 374 23.55 -24.39 16.20
C HIS B 374 23.75 -24.10 14.72
N TYR B 375 24.18 -22.87 14.43
CA TYR B 375 24.45 -22.40 13.06
C TYR B 375 25.87 -22.74 12.61
N THR B 376 26.08 -22.64 11.29
CA THR B 376 27.30 -23.14 10.68
C THR B 376 28.55 -22.37 11.12
N ASP B 377 28.38 -21.15 11.65
CA ASP B 377 29.50 -20.38 12.16
C ASP B 377 29.72 -20.57 13.65
N GLY B 378 28.71 -21.06 14.38
CA GLY B 378 28.85 -21.32 15.80
C GLY B 378 27.75 -20.78 16.71
N LYS B 379 26.96 -19.80 16.24
CA LYS B 379 25.85 -19.29 17.04
C LYS B 379 24.84 -20.40 17.36
N LYS B 380 23.93 -20.09 18.29
CA LYS B 380 23.04 -21.05 18.89
C LYS B 380 21.60 -20.84 18.42
N PHE B 381 20.86 -21.95 18.28
CA PHE B 381 19.43 -21.95 17.99
C PHE B 381 18.69 -22.56 19.17
N GLU B 382 17.63 -21.90 19.62
CA GLU B 382 16.79 -22.42 20.70
C GLU B 382 15.41 -21.80 20.57
N GLU B 383 14.37 -22.63 20.48
CA GLU B 383 13.00 -22.14 20.28
C GLU B 383 12.02 -23.30 20.48
N GLU B 384 10.79 -22.96 20.86
CA GLU B 384 9.75 -23.93 21.19
C GLU B 384 8.80 -24.14 20.02
N PHE B 385 8.35 -25.38 19.85
CA PHE B 385 7.43 -25.77 18.78
C PHE B 385 6.44 -26.79 19.32
N GLU B 386 5.25 -26.83 18.72
CA GLU B 386 4.28 -27.86 19.10
C GLU B 386 4.52 -29.18 18.35
N THR B 387 4.96 -29.12 17.09
CA THR B 387 5.25 -30.30 16.30
C THR B 387 6.60 -30.12 15.61
N VAL B 388 7.40 -31.19 15.58
CA VAL B 388 8.67 -31.21 14.87
C VAL B 388 8.62 -32.36 13.86
N ILE B 389 8.78 -32.03 12.58
CA ILE B 389 8.70 -32.98 11.46
C ILE B 389 10.08 -33.13 10.84
N PHE B 390 10.61 -34.36 10.82
CA PHE B 390 11.87 -34.66 10.16
C PHE B 390 11.63 -35.08 8.73
N ALA B 391 12.28 -34.40 7.78
CA ALA B 391 12.34 -34.83 6.37
C ALA B 391 13.79 -34.73 5.90
N VAL B 392 14.63 -35.67 6.35
CA VAL B 392 16.06 -35.64 6.07
C VAL B 392 16.47 -36.85 5.24
N GLY B 393 15.55 -37.37 4.43
CA GLY B 393 15.87 -38.42 3.48
C GLY B 393 15.15 -39.71 3.80
N ARG B 394 15.35 -40.71 2.94
CA ARG B 394 14.70 -42.03 3.02
C ARG B 394 15.70 -43.11 2.64
N GLU B 395 15.51 -44.33 3.18
CA GLU B 395 16.45 -45.40 2.89
C GLU B 395 15.75 -46.75 2.93
N PRO B 396 16.25 -47.74 2.18
CA PRO B 396 15.73 -49.10 2.32
C PRO B 396 16.42 -49.79 3.48
N GLN B 397 15.92 -50.96 3.83
CA GLN B 397 16.57 -51.79 4.83
C GLN B 397 16.46 -53.23 4.35
N LEU B 398 17.21 -53.53 3.29
CA LEU B 398 17.13 -54.82 2.64
C LEU B 398 17.69 -55.95 3.49
N SER B 399 18.41 -55.63 4.57
CA SER B 399 18.82 -56.67 5.49
C SER B 399 17.61 -57.37 6.11
N LYS B 400 16.49 -56.65 6.27
CA LYS B 400 15.26 -57.28 6.71
C LYS B 400 14.66 -58.18 5.63
N VAL B 401 14.88 -57.84 4.37
CA VAL B 401 14.13 -58.44 3.28
C VAL B 401 14.89 -59.61 2.65
N LEU B 402 16.21 -59.59 2.75
CA LEU B 402 17.07 -60.35 1.86
C LEU B 402 18.24 -60.92 2.65
N CYS B 403 18.35 -62.25 2.67
CA CYS B 403 19.47 -62.89 3.35
C CYS B 403 20.74 -62.72 2.53
N GLU B 404 21.83 -62.34 3.21
CA GLU B 404 23.09 -62.07 2.52
C GLU B 404 23.65 -63.30 1.83
N THR B 405 23.21 -64.50 2.21
CA THR B 405 23.75 -65.69 1.57
C THR B 405 23.18 -65.93 0.17
N VAL B 406 22.05 -65.29 -0.17
CA VAL B 406 21.43 -65.52 -1.47
C VAL B 406 22.31 -65.03 -2.61
N GLY B 407 23.08 -63.97 -2.39
CA GLY B 407 24.01 -63.50 -3.40
C GLY B 407 23.58 -62.27 -4.20
N VAL B 408 22.66 -61.46 -3.68
CA VAL B 408 22.18 -60.28 -4.40
C VAL B 408 23.09 -59.09 -4.05
N LYS B 409 23.77 -58.55 -5.06
CA LYS B 409 24.70 -57.44 -4.86
C LYS B 409 23.99 -56.14 -4.49
N LEU B 410 24.44 -55.49 -3.41
CA LEU B 410 23.95 -54.17 -3.03
C LEU B 410 25.07 -53.13 -3.18
N ASP B 411 24.68 -51.86 -3.32
CA ASP B 411 25.66 -50.80 -3.47
C ASP B 411 25.97 -50.20 -2.09
N LYS B 412 26.77 -49.13 -2.06
CA LYS B 412 27.24 -48.59 -0.79
C LYS B 412 26.12 -47.89 0.00
N ASN B 413 25.02 -47.51 -0.66
CA ASN B 413 23.85 -46.96 0.02
C ASN B 413 22.82 -48.02 0.42
N GLY B 414 23.04 -49.28 0.07
CA GLY B 414 22.07 -50.32 0.37
C GLY B 414 21.01 -50.54 -0.68
N ARG B 415 21.20 -50.06 -1.90
CA ARG B 415 20.25 -50.32 -2.98
C ARG B 415 20.78 -51.40 -3.90
N VAL B 416 19.85 -52.06 -4.61
CA VAL B 416 20.16 -53.24 -5.41
C VAL B 416 20.81 -52.80 -6.73
N VAL B 417 21.88 -53.49 -7.12
CA VAL B 417 22.62 -53.20 -8.35
C VAL B 417 22.04 -54.07 -9.46
N CYS B 418 21.49 -53.44 -10.49
CA CYS B 418 20.72 -54.14 -11.52
C CYS B 418 21.29 -53.86 -12.90
N THR B 419 21.04 -54.78 -13.83
CA THR B 419 21.33 -54.53 -15.24
C THR B 419 20.20 -53.66 -15.83
N ASP B 420 20.33 -53.28 -17.10
CA ASP B 420 19.33 -52.38 -17.69
C ASP B 420 17.98 -53.06 -17.94
N ASP B 421 17.84 -54.33 -17.56
CA ASP B 421 16.55 -55.01 -17.60
C ASP B 421 16.07 -55.39 -16.20
N GLU B 422 16.54 -54.68 -15.17
CA GLU B 422 16.19 -54.87 -13.76
C GLU B 422 16.64 -56.21 -13.17
N GLN B 423 17.52 -56.96 -13.85
CA GLN B 423 18.02 -58.23 -13.29
C GLN B 423 19.08 -57.98 -12.23
N THR B 424 18.98 -58.69 -11.11
CA THR B 424 20.00 -58.61 -10.07
C THR B 424 21.17 -59.54 -10.44
N THR B 425 22.11 -59.75 -9.50
CA THR B 425 23.21 -60.71 -9.68
C THR B 425 22.76 -62.16 -9.49
N VAL B 426 21.50 -62.39 -9.11
CA VAL B 426 20.92 -63.73 -9.08
C VAL B 426 19.90 -63.79 -10.21
N SER B 427 20.08 -64.75 -11.12
CA SER B 427 19.54 -64.63 -12.47
C SER B 427 18.01 -64.60 -12.53
N ASN B 428 17.32 -65.19 -11.54
CA ASN B 428 15.86 -65.20 -11.51
C ASN B 428 15.27 -64.15 -10.57
N VAL B 429 16.07 -63.24 -10.04
CA VAL B 429 15.61 -62.23 -9.08
C VAL B 429 15.81 -60.86 -9.70
N TYR B 430 14.77 -60.02 -9.62
CA TYR B 430 14.75 -58.68 -10.19
C TYR B 430 14.36 -57.67 -9.12
N ALA B 431 14.67 -56.40 -9.36
CA ALA B 431 14.35 -55.32 -8.42
C ALA B 431 13.81 -54.11 -9.17
N ILE B 432 12.78 -53.46 -8.62
CA ILE B 432 12.12 -52.34 -9.29
C ILE B 432 11.79 -51.25 -8.29
N GLY B 433 11.54 -50.03 -8.80
CA GLY B 433 11.14 -48.94 -7.93
C GLY B 433 12.30 -48.33 -7.17
N ASP B 434 11.99 -47.81 -5.96
CA ASP B 434 12.95 -46.98 -5.22
C ASP B 434 14.21 -47.73 -4.78
N ILE B 435 14.18 -49.07 -4.71
CA ILE B 435 15.36 -49.81 -4.26
C ILE B 435 16.33 -50.15 -5.39
N ASN B 436 15.97 -49.88 -6.65
CA ASN B 436 16.84 -50.11 -7.80
C ASN B 436 17.85 -48.98 -7.87
N ALA B 437 19.13 -49.28 -7.62
CA ALA B 437 20.15 -48.24 -7.48
C ALA B 437 20.26 -47.36 -8.72
N GLY B 438 20.41 -46.04 -8.50
CA GLY B 438 20.65 -45.08 -9.56
C GLY B 438 19.44 -44.63 -10.35
N LYS B 439 18.23 -45.12 -10.05
CA LYS B 439 17.08 -44.76 -10.87
C LYS B 439 16.27 -43.64 -10.24
N PRO B 440 15.53 -42.84 -11.02
CA PRO B 440 14.70 -41.79 -10.41
C PRO B 440 13.62 -42.41 -9.53
N GLN B 441 13.45 -41.84 -8.34
CA GLN B 441 12.60 -42.44 -7.33
C GLN B 441 11.22 -41.78 -7.43
N LEU B 442 10.42 -42.28 -8.38
CA LEU B 442 9.14 -41.69 -8.73
C LEU B 442 8.12 -42.78 -9.00
N THR B 443 6.85 -42.51 -8.69
CA THR B 443 5.81 -43.53 -8.85
C THR B 443 5.58 -43.95 -10.30
N PRO B 444 5.49 -43.06 -11.30
CA PRO B 444 5.28 -43.57 -12.67
C PRO B 444 6.48 -44.33 -13.21
N VAL B 445 7.70 -44.05 -12.73
CA VAL B 445 8.84 -44.88 -13.11
C VAL B 445 8.65 -46.31 -12.59
N ALA B 446 8.30 -46.47 -11.31
CA ALA B 446 8.14 -47.81 -10.75
C ALA B 446 7.06 -48.61 -11.49
N ILE B 447 5.96 -47.94 -11.87
CA ILE B 447 4.85 -48.60 -12.57
C ILE B 447 5.27 -49.05 -13.96
N GLN B 448 5.94 -48.18 -14.71
CA GLN B 448 6.43 -48.56 -16.03
C GLN B 448 7.47 -49.70 -15.94
N ALA B 449 8.43 -49.59 -15.01
CA ALA B 449 9.40 -50.66 -14.86
C ALA B 449 8.71 -51.99 -14.57
N GLY B 450 7.76 -51.99 -13.62
CA GLY B 450 7.07 -53.21 -13.26
C GLY B 450 6.24 -53.81 -14.39
N ARG B 451 5.47 -52.98 -15.11
CA ARG B 451 4.63 -53.52 -16.19
C ARG B 451 5.47 -54.01 -17.36
N TYR B 452 6.52 -53.27 -17.72
CA TYR B 452 7.39 -53.68 -18.82
C TYR B 452 8.16 -54.96 -18.49
N LEU B 453 8.59 -55.13 -17.23
CA LEU B 453 9.30 -56.35 -16.84
C LEU B 453 8.39 -57.57 -16.92
N ALA B 454 7.17 -57.47 -16.40
CA ALA B 454 6.24 -58.60 -16.45
C ALA B 454 5.98 -59.05 -17.88
N ARG B 455 5.94 -58.12 -18.83
CA ARG B 455 5.72 -58.51 -20.22
C ARG B 455 6.96 -59.20 -20.80
N ARG B 456 8.16 -58.77 -20.42
CA ARG B 456 9.37 -59.46 -20.90
C ARG B 456 9.45 -60.86 -20.32
N LEU B 457 9.06 -61.05 -19.06
CA LEU B 457 9.15 -62.37 -18.45
C LEU B 457 8.12 -63.33 -19.02
N PHE B 458 6.89 -62.88 -19.22
CA PHE B 458 5.80 -63.81 -19.43
C PHE B 458 5.09 -63.69 -20.77
N ALA B 459 5.37 -62.66 -21.57
CA ALA B 459 4.74 -62.54 -22.88
C ALA B 459 5.74 -62.38 -24.02
N GLY B 460 7.03 -62.65 -23.79
CA GLY B 460 8.00 -62.53 -24.86
C GLY B 460 8.23 -61.12 -25.39
N ALA B 461 7.92 -60.10 -24.60
CA ALA B 461 8.21 -58.73 -25.03
C ALA B 461 9.69 -58.44 -24.89
N THR B 462 10.16 -57.40 -25.60
CA THR B 462 11.56 -56.98 -25.56
C THR B 462 11.77 -55.52 -25.11
N GLU B 463 10.73 -54.70 -25.04
CA GLU B 463 10.89 -53.28 -24.72
C GLU B 463 11.42 -53.07 -23.30
N LEU B 464 12.43 -52.19 -23.17
CA LEU B 464 13.02 -51.81 -21.90
C LEU B 464 12.45 -50.49 -21.40
N THR B 465 12.55 -50.24 -20.09
CA THR B 465 12.18 -48.96 -19.51
C THR B 465 13.28 -47.91 -19.77
N ASP B 466 12.87 -46.74 -20.26
CA ASP B 466 13.79 -45.62 -20.53
C ASP B 466 13.77 -44.68 -19.33
N TYR B 467 14.93 -44.55 -18.65
CA TYR B 467 15.05 -43.78 -17.42
C TYR B 467 15.61 -42.37 -17.62
N SER B 468 15.84 -41.93 -18.86
CA SER B 468 16.48 -40.64 -19.12
C SER B 468 15.45 -39.53 -19.32
N ASN B 469 15.80 -38.31 -18.90
CA ASN B 469 14.94 -37.14 -19.11
C ASN B 469 13.51 -37.36 -18.57
N VAL B 470 13.38 -37.98 -17.41
CA VAL B 470 12.07 -38.15 -16.78
C VAL B 470 11.69 -36.83 -16.11
N ALA B 471 10.54 -36.27 -16.46
CA ALA B 471 10.10 -34.98 -15.93
C ALA B 471 9.60 -35.11 -14.49
N THR B 472 9.67 -33.99 -13.75
CA THR B 472 9.30 -33.92 -12.33
C THR B 472 8.44 -32.68 -12.06
N THR B 473 7.70 -32.70 -10.94
CA THR B 473 7.08 -31.47 -10.42
C THR B 473 7.14 -31.43 -8.91
N VAL B 474 7.58 -30.29 -8.38
CA VAL B 474 7.59 -30.02 -6.95
C VAL B 474 6.35 -29.19 -6.63
N PHE B 475 5.46 -29.73 -5.78
CA PHE B 475 4.17 -29.08 -5.51
C PHE B 475 4.25 -28.16 -4.29
N THR B 476 5.22 -27.25 -4.33
CA THR B 476 5.28 -26.09 -3.43
C THR B 476 4.14 -25.10 -3.73
N PRO B 477 3.87 -24.15 -2.80
CA PRO B 477 2.75 -23.22 -3.00
C PRO B 477 2.73 -22.54 -4.35
N LEU B 478 3.90 -22.18 -4.90
CA LEU B 478 4.05 -21.95 -6.34
C LEU B 478 4.86 -23.13 -6.88
N GLU B 479 4.28 -23.83 -7.84
CA GLU B 479 4.78 -25.13 -8.27
C GLU B 479 5.95 -24.97 -9.24
N TYR B 480 6.84 -25.99 -9.28
CA TYR B 480 8.07 -25.98 -10.07
C TYR B 480 8.20 -27.29 -10.86
N GLY B 481 8.04 -27.20 -12.18
CA GLY B 481 8.15 -28.34 -13.07
C GLY B 481 9.47 -28.29 -13.84
N ALA B 482 10.03 -29.47 -14.14
CA ALA B 482 11.29 -29.55 -14.88
C ALA B 482 11.37 -30.83 -15.71
N CYS B 483 12.13 -30.77 -16.81
CA CYS B 483 12.45 -31.96 -17.60
C CYS B 483 13.84 -31.77 -18.21
N GLY B 484 14.79 -32.64 -17.86
CA GLY B 484 16.16 -32.57 -18.37
C GLY B 484 17.15 -31.97 -17.37
N LEU B 485 18.25 -31.45 -17.94
CA LEU B 485 19.36 -30.97 -17.12
C LEU B 485 19.08 -29.61 -16.48
N SER B 486 19.53 -29.46 -15.24
CA SER B 486 19.70 -28.13 -14.67
C SER B 486 20.70 -27.34 -15.51
N GLU B 487 20.63 -26.01 -15.37
CA GLU B 487 21.55 -25.14 -16.11
C GLU B 487 23.00 -25.41 -15.72
N GLU B 488 23.29 -25.56 -14.42
CA GLU B 488 24.66 -25.82 -13.98
C GLU B 488 25.20 -27.16 -14.49
N ASP B 489 24.37 -28.21 -14.51
CA ASP B 489 24.86 -29.49 -15.05
C ASP B 489 25.15 -29.40 -16.56
N ALA B 490 24.32 -28.68 -17.31
CA ALA B 490 24.59 -28.48 -18.73
C ALA B 490 25.93 -27.78 -18.93
N ILE B 491 26.17 -26.70 -18.19
CA ILE B 491 27.42 -25.95 -18.34
C ILE B 491 28.61 -26.83 -17.98
N GLU B 492 28.50 -27.61 -16.90
CA GLU B 492 29.60 -28.46 -16.50
C GLU B 492 29.92 -29.50 -17.57
N LYS B 493 28.89 -30.07 -18.19
CA LYS B 493 29.07 -31.16 -19.15
C LYS B 493 29.59 -30.68 -20.51
N TYR B 494 29.19 -29.48 -20.95
CA TYR B 494 29.52 -29.00 -22.29
C TYR B 494 30.36 -27.74 -22.33
N GLY B 495 30.51 -27.01 -21.23
CA GLY B 495 31.21 -25.75 -21.24
C GLY B 495 30.32 -24.53 -21.49
N ASP B 496 30.63 -23.41 -20.84
CA ASP B 496 29.75 -22.24 -20.87
C ASP B 496 29.59 -21.66 -22.29
N LYS B 497 30.63 -21.72 -23.12
CA LYS B 497 30.53 -21.11 -24.44
C LYS B 497 29.55 -21.87 -25.34
N ASP B 498 29.28 -23.13 -25.06
CA ASP B 498 28.39 -23.95 -25.86
C ASP B 498 26.96 -24.01 -25.33
N ILE B 499 26.61 -23.19 -24.33
CA ILE B 499 25.28 -23.23 -23.71
C ILE B 499 24.61 -21.87 -23.92
N GLU B 500 23.39 -21.90 -24.45
CA GLU B 500 22.56 -20.70 -24.58
C GLU B 500 21.30 -20.89 -23.75
N VAL B 501 20.88 -19.86 -23.03
CA VAL B 501 19.72 -19.93 -22.14
C VAL B 501 18.73 -18.83 -22.51
N TYR B 502 17.52 -19.23 -22.93
CA TYR B 502 16.41 -18.31 -23.21
C TYR B 502 15.48 -18.31 -22.01
N HIS B 503 15.06 -17.11 -21.55
CA HIS B 503 14.26 -17.05 -20.33
C HIS B 503 13.30 -15.86 -20.35
N SER B 504 12.30 -15.89 -19.45
CA SER B 504 11.27 -14.85 -19.39
C SER B 504 10.46 -14.99 -18.11
N ASN B 505 10.17 -13.86 -17.46
CA ASN B 505 9.09 -13.83 -16.49
C ASN B 505 7.75 -13.87 -17.21
N PHE B 506 6.68 -14.21 -16.48
CA PHE B 506 5.31 -14.08 -16.96
C PHE B 506 4.37 -13.87 -15.77
N LYS B 507 3.13 -13.49 -16.11
CA LYS B 507 2.05 -13.27 -15.13
C LYS B 507 0.81 -13.98 -15.62
N PRO B 508 0.27 -14.94 -14.87
CA PRO B 508 -0.99 -15.58 -15.30
C PRO B 508 -2.08 -14.53 -15.46
N LEU B 509 -2.91 -14.70 -16.49
CA LEU B 509 -4.05 -13.79 -16.68
C LEU B 509 -4.97 -13.79 -15.46
N GLU B 510 -5.12 -14.96 -14.81
CA GLU B 510 -5.92 -15.09 -13.59
C GLU B 510 -5.42 -14.21 -12.45
N TRP B 511 -4.16 -13.80 -12.46
CA TRP B 511 -3.55 -12.98 -11.41
C TRP B 511 -3.77 -11.49 -11.61
N THR B 512 -4.30 -11.05 -12.76
CA THR B 512 -4.38 -9.63 -13.02
C THR B 512 -5.48 -8.98 -12.19
N VAL B 513 -6.73 -9.43 -12.37
CA VAL B 513 -7.84 -8.92 -11.59
C VAL B 513 -7.67 -9.21 -10.09
N ALA B 514 -6.95 -10.28 -9.75
CA ALA B 514 -6.71 -10.62 -8.35
C ALA B 514 -5.57 -9.82 -7.71
N HIS B 515 -4.88 -8.94 -8.45
CA HIS B 515 -3.81 -8.11 -7.91
C HIS B 515 -2.68 -8.93 -7.28
N ARG B 516 -2.28 -10.02 -7.95
CA ARG B 516 -1.12 -10.78 -7.50
C ARG B 516 0.14 -10.27 -8.21
N GLU B 517 1.29 -10.90 -7.92
CA GLU B 517 2.61 -10.36 -8.29
C GLU B 517 2.92 -10.45 -9.79
N ASP B 518 3.63 -9.42 -10.30
CA ASP B 518 3.89 -9.22 -11.73
C ASP B 518 5.04 -10.08 -12.26
N ASN B 519 6.11 -10.27 -11.48
CA ASN B 519 7.34 -10.84 -12.01
C ASN B 519 7.88 -11.91 -11.09
N VAL B 520 7.05 -12.89 -10.74
CA VAL B 520 7.48 -13.97 -9.87
C VAL B 520 7.47 -15.30 -10.61
N CYS B 521 6.49 -15.52 -11.48
CA CYS B 521 6.52 -16.72 -12.33
C CYS B 521 7.65 -16.56 -13.34
N TYR B 522 8.26 -17.68 -13.74
CA TYR B 522 9.52 -17.63 -14.47
C TYR B 522 9.73 -18.93 -15.25
N MET B 523 10.36 -18.83 -16.43
CA MET B 523 10.62 -20.02 -17.23
C MET B 523 11.88 -19.84 -18.07
N LYS B 524 12.54 -20.96 -18.40
CA LYS B 524 13.75 -20.92 -19.20
C LYS B 524 13.94 -22.24 -19.95
N LEU B 525 14.67 -22.15 -21.08
CA LEU B 525 15.13 -23.30 -21.85
C LEU B 525 16.67 -23.27 -21.90
N VAL B 526 17.31 -24.37 -21.51
CA VAL B 526 18.77 -24.51 -21.53
C VAL B 526 19.14 -25.31 -22.78
N CYS B 527 19.95 -24.72 -23.68
CA CYS B 527 20.16 -25.29 -25.02
C CYS B 527 21.65 -25.43 -25.35
N ARG B 528 21.95 -26.38 -26.24
CA ARG B 528 23.34 -26.65 -26.68
C ARG B 528 23.56 -26.05 -28.07
N LYS B 529 24.44 -25.04 -28.13
CA LYS B 529 24.66 -24.32 -29.38
C LYS B 529 25.15 -25.23 -30.49
N SER B 530 26.20 -26.01 -30.23
CA SER B 530 26.82 -26.82 -31.28
C SER B 530 25.98 -28.02 -31.69
N ASP B 531 24.83 -28.28 -31.04
CA ASP B 531 23.94 -29.36 -31.49
C ASP B 531 22.59 -28.80 -31.95
N ASN B 532 22.62 -27.83 -32.85
CA ASN B 532 21.40 -27.26 -33.45
C ASN B 532 20.47 -26.62 -32.39
N MET B 533 21.03 -26.09 -31.30
CA MET B 533 20.24 -25.48 -30.22
C MET B 533 19.29 -26.51 -29.59
N ARG B 534 19.78 -27.74 -29.43
CA ARG B 534 19.03 -28.81 -28.76
C ARG B 534 18.58 -28.36 -27.36
N VAL B 535 17.31 -28.61 -27.03
CA VAL B 535 16.81 -28.30 -25.69
C VAL B 535 17.33 -29.35 -24.71
N LEU B 536 18.26 -28.96 -23.84
CA LEU B 536 18.83 -29.87 -22.84
C LEU B 536 17.96 -29.96 -21.58
N GLY B 537 17.38 -28.84 -21.16
CA GLY B 537 16.51 -28.80 -19.99
C GLY B 537 15.48 -27.69 -20.09
N LEU B 538 14.29 -27.95 -19.53
CA LEU B 538 13.16 -27.02 -19.50
C LEU B 538 12.73 -26.82 -18.04
N HIS B 539 12.46 -25.57 -17.65
CA HIS B 539 12.13 -25.23 -16.26
C HIS B 539 11.01 -24.19 -16.22
N VAL B 540 10.01 -24.39 -15.36
CA VAL B 540 8.91 -23.42 -15.22
C VAL B 540 8.42 -23.39 -13.77
N LEU B 541 8.30 -22.18 -13.25
CA LEU B 541 7.76 -21.88 -11.93
C LEU B 541 6.46 -21.12 -12.15
N GLY B 542 5.34 -21.71 -11.73
CA GLY B 542 4.03 -21.09 -11.89
C GLY B 542 2.89 -22.04 -11.53
N PRO B 543 1.65 -21.54 -11.65
CA PRO B 543 0.49 -22.40 -11.34
C PRO B 543 0.37 -23.54 -12.35
N ASN B 544 -0.11 -24.70 -11.86
CA ASN B 544 -0.34 -25.88 -12.72
C ASN B 544 0.94 -26.33 -13.43
N ALA B 545 2.09 -26.26 -12.73
CA ALA B 545 3.37 -26.52 -13.40
C ALA B 545 3.47 -27.95 -13.95
N GLY B 546 2.81 -28.92 -13.30
CA GLY B 546 2.87 -30.29 -13.79
C GLY B 546 2.06 -30.48 -15.06
N GLU B 547 0.90 -29.83 -15.15
CA GLU B 547 0.15 -29.86 -16.41
C GLU B 547 0.94 -29.17 -17.53
N ILE B 548 1.60 -28.06 -17.22
CA ILE B 548 2.38 -27.34 -18.26
C ILE B 548 3.50 -28.22 -18.80
N THR B 549 4.28 -28.84 -17.89
CA THR B 549 5.52 -29.53 -18.27
C THR B 549 5.27 -30.86 -19.00
N GLN B 550 4.20 -31.59 -18.66
CA GLN B 550 4.10 -32.98 -19.10
C GLN B 550 4.26 -33.13 -20.61
N GLY B 551 3.48 -32.36 -21.39
CA GLY B 551 3.51 -32.54 -22.83
C GLY B 551 4.86 -32.24 -23.45
N TYR B 552 5.60 -31.29 -22.89
CA TYR B 552 6.93 -31.01 -23.43
C TYR B 552 7.91 -32.17 -23.22
N ALA B 553 7.64 -33.08 -22.27
CA ALA B 553 8.54 -34.22 -22.07
C ALA B 553 8.53 -35.16 -23.27
N VAL B 554 7.42 -35.27 -23.98
CA VAL B 554 7.40 -36.03 -25.23
C VAL B 554 8.30 -35.39 -26.27
N ALA B 555 8.19 -34.06 -26.44
CA ALA B 555 9.05 -33.38 -27.40
C ALA B 555 10.54 -33.51 -27.07
N ILE B 556 10.88 -33.39 -25.78
CA ILE B 556 12.29 -33.53 -25.38
C ILE B 556 12.77 -34.97 -25.59
N LYS B 557 11.91 -35.96 -25.35
CA LYS B 557 12.25 -37.36 -25.66
C LYS B 557 12.60 -37.53 -27.13
N MET B 558 11.90 -36.84 -28.02
CA MET B 558 12.13 -36.89 -29.46
C MET B 558 13.25 -35.97 -29.93
N GLY B 559 13.95 -35.28 -29.04
CA GLY B 559 15.06 -34.43 -29.45
C GLY B 559 14.71 -33.02 -29.90
N ALA B 560 13.75 -32.36 -29.24
CA ALA B 560 13.35 -31.02 -29.65
C ALA B 560 14.52 -30.03 -29.59
N THR B 561 14.53 -29.10 -30.55
CA THR B 561 15.44 -27.97 -30.62
C THR B 561 14.68 -26.68 -30.37
N LYS B 562 15.40 -25.56 -30.24
CA LYS B 562 14.73 -24.27 -30.08
C LYS B 562 13.84 -23.96 -31.28
N ALA B 563 14.29 -24.32 -32.49
CA ALA B 563 13.48 -24.07 -33.69
C ALA B 563 12.16 -24.84 -33.66
N ASP B 564 12.13 -26.01 -33.02
CA ASP B 564 10.84 -26.68 -32.89
C ASP B 564 9.89 -25.91 -31.99
N PHE B 565 10.40 -25.37 -30.87
CA PHE B 565 9.55 -24.51 -30.02
C PHE B 565 9.10 -23.26 -30.76
N ASP B 566 9.95 -22.71 -31.64
CA ASP B 566 9.60 -21.47 -32.34
C ASP B 566 8.53 -21.69 -33.42
N ARG B 567 8.64 -22.77 -34.19
CA ARG B 567 7.65 -22.96 -35.27
C ARG B 567 6.31 -23.46 -34.75
N THR B 568 6.22 -23.95 -33.52
CA THR B 568 4.94 -24.33 -32.93
C THR B 568 4.20 -23.07 -32.45
N ILE B 569 2.86 -23.02 -32.68
CA ILE B 569 2.07 -21.83 -32.33
C ILE B 569 1.47 -21.97 -30.92
N GLY B 570 1.37 -20.84 -30.19
CA GLY B 570 0.79 -20.88 -28.85
C GLY B 570 -0.74 -21.02 -28.82
N ILE B 571 -1.25 -21.58 -27.70
CA ILE B 571 -2.65 -21.50 -27.29
C ILE B 571 -2.84 -20.33 -26.33
N HIS B 572 -3.78 -19.44 -26.65
CA HIS B 572 -4.00 -18.18 -25.92
C HIS B 572 -5.42 -18.09 -25.40
N PRO B 573 -5.63 -17.63 -24.14
CA PRO B 573 -4.61 -17.26 -23.13
C PRO B 573 -4.25 -18.40 -22.18
N THR B 574 -2.96 -18.74 -22.11
CA THR B 574 -2.42 -19.74 -21.21
C THR B 574 -1.09 -19.27 -20.65
N CYS B 575 -0.66 -19.91 -19.54
CA CYS B 575 0.72 -19.76 -19.09
C CYS B 575 1.69 -20.48 -20.04
N SER B 576 1.31 -21.67 -20.52
CA SER B 576 2.26 -22.50 -21.26
C SER B 576 2.75 -21.85 -22.56
N GLU B 577 1.92 -21.01 -23.20
CA GLU B 577 2.29 -20.45 -24.50
C GLU B 577 3.54 -19.59 -24.46
N THR B 578 3.95 -19.10 -23.28
CA THR B 578 5.18 -18.30 -23.20
C THR B 578 6.39 -19.09 -23.69
N PHE B 579 6.35 -20.43 -23.66
CA PHE B 579 7.47 -21.24 -24.17
C PHE B 579 7.62 -21.11 -25.69
N THR B 580 6.53 -20.81 -26.41
CA THR B 580 6.56 -20.79 -27.87
C THR B 580 7.15 -19.51 -28.45
N THR B 581 7.40 -18.47 -27.62
CA THR B 581 7.92 -17.19 -28.13
C THR B 581 9.13 -16.67 -27.34
N LEU B 582 9.90 -17.54 -26.69
CA LEU B 582 11.05 -17.07 -25.91
C LEU B 582 12.12 -16.48 -26.84
N HIS B 583 12.80 -15.40 -26.40
CA HIS B 583 13.78 -14.75 -27.26
C HIS B 583 14.90 -14.03 -26.50
N VAL B 584 14.71 -13.67 -25.24
CA VAL B 584 15.75 -13.02 -24.45
C VAL B 584 16.78 -14.05 -24.02
N THR B 585 18.06 -13.83 -24.33
CA THR B 585 19.10 -14.74 -23.84
C THR B 585 19.76 -14.19 -22.58
N LYS B 586 20.31 -15.11 -21.79
CA LYS B 586 21.09 -14.69 -20.63
C LYS B 586 22.37 -13.97 -21.04
N LYS B 587 23.05 -14.42 -22.12
CA LYS B 587 24.26 -13.74 -22.56
C LYS B 587 24.00 -12.28 -22.92
N SER B 588 22.82 -11.97 -23.47
CA SER B 588 22.55 -10.61 -23.93
C SER B 588 22.49 -9.60 -22.79
N GLY B 589 22.20 -10.05 -21.57
CA GLY B 589 22.03 -9.13 -20.45
C GLY B 589 20.71 -8.38 -20.40
N VAL B 590 19.82 -8.57 -21.37
CA VAL B 590 18.53 -7.90 -21.37
C VAL B 590 17.66 -8.47 -20.25
N SER B 591 16.88 -7.59 -19.60
CA SER B 591 16.03 -8.03 -18.49
C SER B 591 14.96 -9.02 -18.95
N PRO B 592 14.63 -10.04 -18.14
CA PRO B 592 13.49 -10.91 -18.46
C PRO B 592 12.13 -10.45 -17.94
N ILE B 593 12.01 -9.28 -17.30
CA ILE B 593 10.70 -8.92 -16.71
C ILE B 593 9.71 -8.60 -17.82
N VAL B 594 8.41 -8.66 -17.47
CA VAL B 594 7.36 -8.47 -18.47
C VAL B 594 6.96 -7.01 -18.57
#